data_4RI9
#
_entry.id   4RI9
#
_cell.length_a   66.865
_cell.length_b   211.574
_cell.length_c   69.273
_cell.angle_alpha   90.00
_cell.angle_beta   99.15
_cell.angle_gamma   90.00
#
_symmetry.space_group_name_H-M   'P 1 21 1'
#
loop_
_entity.id
_entity.type
_entity.pdbx_description
1 polymer 'Fanconi-associated nuclease 1'
2 polymer "DNA (5'-D(P*TP*AP*GP*CP*CP*AP*CP*GP*CP*CP*T)-3')"
3 polymer "DNA (5'-D(P*AP*GP*AP*CP*TP*CP*CP*TP*CP*TP*TP*TP*TP*TP*TP*TP*T)-3')"
4 polymer "DNA (5'-D(P*GP*CP*TP*GP*AP*GP*GP*AP*GP*TP*CP*T)-3')"
5 polymer "DNA (5'-D(*TP*TP*TP*TP*TP*TP*GP*AP*GP*GP*CP*GP*TP*G)-3')"
6 non-polymer 'BARIUM ION'
#
loop_
_entity_poly.entity_id
_entity_poly.type
_entity_poly.pdbx_seq_one_letter_code
_entity_poly.pdbx_strand_id
1 'polypeptide(L)'
;SGAHMTRNGPGQTTGHPYYLRSFLVVLKTVLENEDDMLLFDEQEKGIVTKFYQLSATGQKLYVRLFQRKLSWIKMTKLEY
EEIALDLTPVIEELTNAGFLQTESELQELSEVLELLSAPELKSLAKTFHLANPNGQKQQLVDAFLKLAKQRSVIGAVILK
RAKALAGQSVRICKGPRAVFSRILLLFSLTDSMEDEDAACGGQGQLSTVLLVNLGRMEFPSYTINRKTHIFQDRDDLIRY
AAATHMLSDISSAMANGNWEEAKELAQCAKRDWNRLKNHPSLRCHEDLPLFLRCFTVGWIYTRILSRFVEILQRLHMYEE
AVRELESLLSQRIYCPDSRGRWWDRLALNLHQHLKRLEPTIKCITEGLADPEVRTGHRLSLYQRAVRLRESPSCKKFKHL
FQQLPEMAVQDVKHVTITGRLCPQRGMCKSVFVMEAGEAADPTTVLCSVEELALAHYRRSGFDQGIHGEGSTFSTLYGLL
LWDIIFMDGIPDVFRNACQAFPLDLCTDSFFTSRRPALEARLQLIHDAPEESLRAWVAATWHEQEGRVASLVSWDRFTSL
QQAQDLVSCLGGPVLSGVCRHLAADFRHCRGGLPDLVVWNSQSRHFKLVEVKGPNDRLSHKQMIWLAELQKLGAEVEVCH
VVAVGAKSQSLS
;
A,B
2 'polydeoxyribonucleotide' (DT)(DA)(DG)(DC)(DC)(DA)(DC)(DG)(DC)(DC)(DT) S,W
3 'polydeoxyribonucleotide' (DA)(DG)(DA)(DC)(DT)(DC)(DC)(DT)(DC)(DT)(DT)(DT)(DT)(DT)(DT)(DT)(DT) U,Z
4 'polydeoxyribonucleotide' (DG)(DC)(DT)(DG)(DA)(DG)(DG)(DA)(DG)(DT)(DC)(DT) V,X
5 'polydeoxyribonucleotide' (DT)(DT)(DT)(DT)(DT)(DT)(DG)(DA)(DG)(DG)(DC)(DG)(DT)(DG) Y,T
#
# COMPACT_ATOMS: atom_id res chain seq x y z
N THR A 14 -40.31 7.73 -10.30
CA THR A 14 -39.52 7.21 -11.47
C THR A 14 -40.39 6.66 -12.62
N GLY A 15 -41.67 7.07 -12.64
CA GLY A 15 -42.52 7.02 -13.85
C GLY A 15 -42.02 8.12 -14.78
N HIS A 16 -40.93 8.75 -14.34
CA HIS A 16 -40.07 9.64 -15.11
C HIS A 16 -39.40 8.86 -16.24
N PRO A 17 -39.59 9.33 -17.47
CA PRO A 17 -38.89 8.73 -18.59
C PRO A 17 -37.39 8.98 -18.47
N TYR A 18 -36.62 8.20 -19.20
CA TYR A 18 -35.15 8.26 -19.16
C TYR A 18 -34.50 9.65 -19.21
N TYR A 19 -34.93 10.48 -20.15
CA TYR A 19 -34.33 11.82 -20.35
C TYR A 19 -34.58 12.77 -19.20
N LEU A 20 -35.62 12.53 -18.41
CA LEU A 20 -35.88 13.39 -17.30
C LEU A 20 -35.04 12.91 -16.13
N ARG A 21 -35.03 11.59 -15.91
CA ARG A 21 -34.19 11.06 -14.85
C ARG A 21 -32.77 11.59 -15.00
N SER A 22 -32.21 11.44 -16.19
CA SER A 22 -30.86 11.92 -16.44
C SER A 22 -30.68 13.40 -16.12
N PHE A 23 -31.63 14.24 -16.52
CA PHE A 23 -31.51 15.68 -16.29
C PHE A 23 -31.45 16.00 -14.82
N LEU A 24 -32.29 15.30 -14.05
CA LEU A 24 -32.39 15.52 -12.61
C LEU A 24 -31.11 15.13 -11.89
N VAL A 25 -30.49 14.04 -12.30
CA VAL A 25 -29.22 13.61 -11.71
C VAL A 25 -28.19 14.73 -11.82
N VAL A 26 -28.09 15.30 -13.03
CA VAL A 26 -27.23 16.45 -13.26
C VAL A 26 -27.54 17.57 -12.26
N LEU A 27 -28.81 17.95 -12.14
CA LEU A 27 -29.13 19.07 -11.24
C LEU A 27 -28.72 18.78 -9.81
N LYS A 28 -29.08 17.58 -9.36
CA LYS A 28 -28.81 17.15 -8.00
C LYS A 28 -27.30 17.21 -7.76
N THR A 29 -26.56 16.54 -8.64
CA THR A 29 -25.13 16.38 -8.50
C THR A 29 -24.46 17.72 -8.30
N VAL A 30 -24.85 18.70 -9.10
CA VAL A 30 -24.21 20.00 -8.99
C VAL A 30 -24.77 20.84 -7.86
N LEU A 31 -26.04 20.69 -7.56
CA LEU A 31 -26.62 21.48 -6.49
C LEU A 31 -26.12 21.09 -5.08
N GLU A 32 -25.70 19.85 -4.91
CA GLU A 32 -25.17 19.47 -3.61
C GLU A 32 -23.68 19.82 -3.42
N ASN A 33 -23.07 20.41 -4.43
CA ASN A 33 -21.77 21.00 -4.29
C ASN A 33 -21.84 22.37 -3.69
N GLU A 34 -21.43 22.48 -2.42
CA GLU A 34 -21.32 23.80 -1.79
C GLU A 34 -20.45 24.72 -2.62
N ASP A 35 -19.37 24.19 -3.17
CA ASP A 35 -18.43 24.98 -3.92
C ASP A 35 -19.01 25.52 -5.22
N ASP A 36 -19.68 24.63 -5.94
CA ASP A 36 -20.39 24.98 -7.15
C ASP A 36 -21.45 26.05 -6.91
N MET A 37 -22.25 25.91 -5.84
CA MET A 37 -23.37 26.84 -5.66
C MET A 37 -22.98 28.28 -5.30
N LEU A 38 -21.71 28.49 -4.92
CA LEU A 38 -21.15 29.82 -4.77
C LEU A 38 -21.09 30.62 -6.10
N LEU A 39 -21.28 29.95 -7.23
CA LEU A 39 -21.04 30.60 -8.51
C LEU A 39 -22.35 30.87 -9.24
N PHE A 40 -23.43 30.98 -8.47
CA PHE A 40 -24.72 31.35 -9.00
C PHE A 40 -25.36 32.39 -8.11
N ASP A 41 -25.67 33.56 -8.66
CA ASP A 41 -26.44 34.56 -7.91
C ASP A 41 -27.84 34.02 -7.59
N GLU A 42 -28.61 34.79 -6.84
CA GLU A 42 -29.92 34.40 -6.33
C GLU A 42 -30.95 34.28 -7.44
N GLN A 43 -30.89 35.29 -8.30
CA GLN A 43 -31.70 35.36 -9.46
C GLN A 43 -31.61 34.00 -10.21
N GLU A 44 -30.39 33.62 -10.60
CA GLU A 44 -30.07 32.30 -11.13
C GLU A 44 -30.61 31.18 -10.29
N LYS A 45 -30.20 31.14 -9.02
CA LYS A 45 -30.67 30.09 -8.12
C LYS A 45 -32.21 29.88 -8.11
N GLY A 46 -32.96 30.97 -8.24
CA GLY A 46 -34.42 30.94 -8.20
C GLY A 46 -35.00 30.19 -9.36
N ILE A 47 -34.45 30.44 -10.55
CA ILE A 47 -34.81 29.68 -11.73
C ILE A 47 -34.79 28.16 -11.48
N VAL A 48 -33.79 27.66 -10.77
CA VAL A 48 -33.75 26.24 -10.46
C VAL A 48 -34.94 25.86 -9.63
N THR A 49 -35.22 26.67 -8.61
CA THR A 49 -36.37 26.42 -7.74
C THR A 49 -37.63 26.35 -8.64
N LYS A 50 -37.84 27.43 -9.41
CA LYS A 50 -38.89 27.48 -10.41
C LYS A 50 -38.99 26.17 -11.21
N PHE A 51 -37.85 25.63 -11.63
CA PHE A 51 -37.89 24.35 -12.35
C PHE A 51 -38.52 23.26 -11.50
N TYR A 52 -37.99 23.10 -10.29
CA TYR A 52 -38.41 22.06 -9.39
C TYR A 52 -39.87 22.17 -9.02
N GLN A 53 -40.37 23.39 -9.16
CA GLN A 53 -41.75 23.74 -8.91
C GLN A 53 -42.71 23.31 -10.01
N LEU A 54 -42.20 23.09 -11.20
CA LEU A 54 -43.04 22.65 -12.30
C LEU A 54 -43.64 21.30 -11.93
N SER A 55 -44.75 20.95 -12.60
CA SER A 55 -45.29 19.59 -12.56
C SER A 55 -44.36 18.63 -13.31
N ALA A 56 -44.52 17.33 -13.09
CA ALA A 56 -43.72 16.33 -13.79
C ALA A 56 -43.81 16.52 -15.31
N THR A 57 -45.03 16.64 -15.84
CA THR A 57 -45.22 17.02 -17.23
C THR A 57 -44.37 18.22 -17.61
N GLY A 58 -44.61 19.35 -16.95
CA GLY A 58 -43.87 20.60 -17.20
C GLY A 58 -42.36 20.40 -17.31
N GLN A 59 -41.84 19.52 -16.47
CA GLN A 59 -40.45 19.14 -16.52
C GLN A 59 -40.10 18.28 -17.76
N LYS A 60 -40.76 17.15 -17.94
CA LYS A 60 -40.57 16.31 -19.12
C LYS A 60 -40.44 17.17 -20.39
N LEU A 61 -41.46 17.98 -20.65
CA LEU A 61 -41.50 18.83 -21.85
C LEU A 61 -40.35 19.82 -21.95
N TYR A 62 -39.91 20.38 -20.82
CA TYR A 62 -38.78 21.33 -20.83
C TYR A 62 -37.51 20.64 -21.26
N VAL A 63 -37.21 19.52 -20.61
CA VAL A 63 -36.04 18.73 -20.97
C VAL A 63 -36.06 18.47 -22.48
N ARG A 64 -37.19 17.98 -23.02
CA ARG A 64 -37.28 17.74 -24.47
C ARG A 64 -36.84 18.96 -25.22
N LEU A 65 -37.39 20.11 -24.86
CA LEU A 65 -37.10 21.32 -25.61
C LEU A 65 -35.72 21.92 -25.34
N PHE A 66 -35.18 21.68 -24.15
CA PHE A 66 -33.84 22.08 -23.83
C PHE A 66 -32.88 21.31 -24.72
N GLN A 67 -33.12 20.00 -24.82
CA GLN A 67 -32.35 19.14 -25.69
C GLN A 67 -32.44 19.56 -27.16
N ARG A 68 -33.62 19.96 -27.64
CA ARG A 68 -33.77 20.39 -29.05
C ARG A 68 -32.93 21.63 -29.35
N LYS A 69 -32.75 21.95 -30.64
CA LYS A 69 -32.05 23.16 -31.04
C LYS A 69 -32.75 24.39 -30.47
N LEU A 70 -31.98 25.43 -30.21
CA LEU A 70 -32.52 26.66 -29.67
C LEU A 70 -32.98 27.58 -30.79
N SER A 71 -34.29 27.79 -30.81
CA SER A 71 -35.01 28.63 -31.79
C SER A 71 -36.49 28.25 -31.81
N TRP A 72 -37.22 28.77 -32.77
CA TRP A 72 -38.67 28.71 -32.74
C TRP A 72 -39.23 27.44 -33.33
N ILE A 73 -40.23 26.87 -32.68
CA ILE A 73 -40.84 25.63 -33.16
C ILE A 73 -42.35 25.78 -33.39
N LYS A 74 -42.79 25.39 -34.58
CA LYS A 74 -44.21 25.41 -34.92
C LYS A 74 -44.96 24.54 -33.94
N MET A 75 -46.06 25.07 -33.42
CA MET A 75 -46.89 24.34 -32.47
C MET A 75 -47.34 22.98 -33.00
N THR A 76 -47.44 22.87 -34.32
CA THR A 76 -47.85 21.62 -34.97
C THR A 76 -46.68 20.64 -35.14
N LYS A 77 -45.46 21.13 -34.92
CA LYS A 77 -44.24 20.31 -34.93
C LYS A 77 -43.85 19.72 -33.55
N LEU A 78 -44.75 19.84 -32.57
CA LEU A 78 -44.46 19.42 -31.20
C LEU A 78 -45.33 18.28 -30.78
N GLU A 79 -44.78 17.09 -30.78
CA GLU A 79 -45.55 15.93 -30.39
C GLU A 79 -44.78 15.06 -29.40
N TYR A 80 -45.35 14.92 -28.21
CA TYR A 80 -44.89 13.91 -27.25
C TYR A 80 -46.13 13.30 -26.54
N GLU A 81 -46.63 12.20 -27.07
CA GLU A 81 -47.78 11.54 -26.48
C GLU A 81 -47.48 11.20 -25.02
N GLU A 82 -46.24 10.79 -24.73
CA GLU A 82 -45.90 10.26 -23.41
C GLU A 82 -45.90 11.36 -22.38
N ILE A 83 -45.93 12.59 -22.84
CA ILE A 83 -46.01 13.71 -21.94
C ILE A 83 -47.49 14.03 -21.74
N ALA A 84 -48.21 14.23 -22.84
CA ALA A 84 -49.64 14.49 -22.82
C ALA A 84 -50.15 14.50 -24.26
N LEU A 85 -51.43 14.16 -24.41
CA LEU A 85 -52.06 14.17 -25.72
C LEU A 85 -52.28 15.58 -26.22
N ASP A 86 -52.53 16.49 -25.28
CA ASP A 86 -52.63 17.92 -25.61
C ASP A 86 -51.68 18.72 -24.73
N LEU A 87 -50.73 19.39 -25.38
CA LEU A 87 -49.64 20.03 -24.65
C LEU A 87 -49.88 21.51 -24.32
N THR A 88 -51.05 22.04 -24.68
CA THR A 88 -51.30 23.48 -24.51
C THR A 88 -51.28 23.88 -23.05
N PRO A 89 -51.96 23.11 -22.19
CA PRO A 89 -51.83 23.39 -20.77
C PRO A 89 -50.34 23.52 -20.38
N VAL A 90 -49.58 22.45 -20.65
CA VAL A 90 -48.16 22.31 -20.31
C VAL A 90 -47.35 23.49 -20.79
N ILE A 91 -47.57 23.88 -22.03
CA ILE A 91 -46.91 25.03 -22.58
C ILE A 91 -47.28 26.27 -21.77
N GLU A 92 -48.57 26.41 -21.48
CA GLU A 92 -49.02 27.52 -20.67
C GLU A 92 -48.26 27.57 -19.35
N GLU A 93 -48.12 26.41 -18.68
CA GLU A 93 -47.33 26.35 -17.43
C GLU A 93 -45.94 26.94 -17.63
N LEU A 94 -45.23 26.44 -18.64
CA LEU A 94 -43.86 26.85 -18.90
C LEU A 94 -43.74 28.32 -19.30
N THR A 95 -44.78 28.82 -19.93
CA THR A 95 -44.85 30.23 -20.30
C THR A 95 -44.99 31.07 -19.03
N ASN A 96 -45.99 30.74 -18.24
CA ASN A 96 -46.23 31.43 -17.01
C ASN A 96 -45.00 31.37 -16.12
N ALA A 97 -44.42 30.18 -16.04
CA ALA A 97 -43.21 29.94 -15.27
C ALA A 97 -42.00 30.79 -15.71
N GLY A 98 -41.98 31.17 -16.99
CA GLY A 98 -40.94 32.04 -17.52
C GLY A 98 -39.89 31.26 -18.31
N PHE A 99 -40.23 30.03 -18.65
CA PHE A 99 -39.30 29.09 -19.30
C PHE A 99 -39.42 29.06 -20.83
N LEU A 100 -40.61 29.41 -21.31
CA LEU A 100 -40.95 29.30 -22.70
C LEU A 100 -41.66 30.57 -23.11
N GLN A 101 -41.39 31.03 -24.33
CA GLN A 101 -42.07 32.19 -24.89
C GLN A 101 -42.87 31.82 -26.14
N THR A 102 -43.87 32.65 -26.45
CA THR A 102 -44.87 32.36 -27.47
C THR A 102 -44.75 33.34 -28.62
N GLU A 103 -45.27 32.92 -29.78
CA GLU A 103 -45.27 33.70 -31.04
C GLU A 103 -45.47 35.18 -30.77
N SER A 104 -46.23 35.43 -29.70
CA SER A 104 -46.41 36.76 -29.16
C SER A 104 -45.10 37.55 -28.98
N GLU A 105 -44.02 36.89 -28.60
CA GLU A 105 -42.77 37.62 -28.44
C GLU A 105 -41.88 37.46 -29.66
N LEU A 106 -42.40 36.78 -30.68
CA LEU A 106 -41.68 36.60 -31.93
C LEU A 106 -41.76 37.90 -32.71
N GLN A 107 -40.62 38.60 -32.81
CA GLN A 107 -40.65 39.97 -33.29
C GLN A 107 -39.68 40.24 -34.40
N GLU A 108 -38.56 39.52 -34.41
CA GLU A 108 -37.54 39.72 -35.44
C GLU A 108 -37.91 39.02 -36.73
N LEU A 109 -37.82 39.76 -37.83
CA LEU A 109 -38.25 39.24 -39.12
C LEU A 109 -37.44 38.00 -39.47
N SER A 110 -36.13 38.15 -39.50
CA SER A 110 -35.23 37.05 -39.90
C SER A 110 -35.54 35.78 -39.12
N GLU A 111 -36.08 35.98 -37.92
CA GLU A 111 -36.59 34.87 -37.12
C GLU A 111 -37.88 34.27 -37.69
N VAL A 112 -38.83 35.13 -38.11
CA VAL A 112 -40.11 34.66 -38.64
C VAL A 112 -39.88 33.87 -39.91
N LEU A 113 -39.00 34.40 -40.75
CA LEU A 113 -38.71 33.80 -42.04
C LEU A 113 -38.08 32.43 -41.86
N GLU A 114 -36.98 32.39 -41.12
CA GLU A 114 -36.30 31.14 -40.77
C GLU A 114 -37.21 29.98 -40.38
N LEU A 115 -38.27 30.32 -39.66
CA LEU A 115 -39.21 29.38 -39.11
C LEU A 115 -40.10 28.78 -40.19
N LEU A 116 -40.25 29.52 -41.28
CA LEU A 116 -41.13 29.13 -42.39
C LEU A 116 -40.43 28.19 -43.37
N SER A 117 -41.22 27.34 -44.00
CA SER A 117 -40.72 26.42 -45.04
C SER A 117 -40.60 27.09 -46.42
N ALA A 118 -39.67 26.62 -47.25
CA ALA A 118 -39.53 27.09 -48.63
C ALA A 118 -40.88 27.11 -49.40
N PRO A 119 -41.69 26.03 -49.27
CA PRO A 119 -43.10 26.06 -49.67
C PRO A 119 -43.83 27.31 -49.23
N GLU A 120 -43.85 27.58 -47.93
CA GLU A 120 -44.52 28.76 -47.38
C GLU A 120 -43.86 30.05 -47.87
N LEU A 121 -42.53 30.03 -47.97
CA LEU A 121 -41.76 31.16 -48.47
C LEU A 121 -42.19 31.58 -49.87
N LYS A 122 -42.54 30.58 -50.68
CA LYS A 122 -43.09 30.81 -52.00
C LYS A 122 -44.45 31.49 -51.90
N SER A 123 -45.36 30.93 -51.08
CA SER A 123 -46.71 31.50 -50.86
C SER A 123 -46.71 32.97 -50.45
N LEU A 124 -45.63 33.42 -49.85
CA LEU A 124 -45.49 34.82 -49.43
C LEU A 124 -44.69 35.63 -50.44
N ALA A 125 -43.80 34.96 -51.17
CA ALA A 125 -43.10 35.60 -52.29
C ALA A 125 -44.08 35.98 -53.41
N LYS A 126 -45.19 35.26 -53.50
CA LYS A 126 -46.25 35.54 -54.47
C LYS A 126 -47.21 36.62 -53.99
N THR A 127 -47.96 36.33 -52.91
CA THR A 127 -48.92 37.30 -52.34
C THR A 127 -48.24 38.60 -51.84
N PHE A 128 -47.00 38.80 -52.30
CA PHE A 128 -46.36 40.10 -52.30
C PHE A 128 -45.82 40.38 -53.71
N HIS A 129 -46.44 41.37 -54.35
CA HIS A 129 -46.25 41.69 -55.78
C HIS A 129 -44.82 42.01 -56.18
N LEU A 130 -44.09 42.63 -55.25
CA LEU A 130 -42.70 43.05 -55.47
C LEU A 130 -41.68 41.90 -55.37
N ALA A 131 -42.16 40.69 -55.03
CA ALA A 131 -41.26 39.56 -54.82
C ALA A 131 -41.23 38.60 -56.00
N ASN A 132 -40.01 38.28 -56.42
CA ASN A 132 -39.71 37.21 -57.37
C ASN A 132 -39.96 35.84 -56.69
N PRO A 133 -41.15 35.22 -56.96
CA PRO A 133 -41.60 34.03 -56.21
C PRO A 133 -40.74 32.76 -56.31
N ASN A 134 -39.61 32.83 -57.02
CA ASN A 134 -38.73 31.67 -57.17
C ASN A 134 -37.25 31.94 -56.91
N GLY A 135 -36.54 30.87 -56.58
CA GLY A 135 -35.17 30.92 -56.04
C GLY A 135 -35.09 29.97 -54.86
N GLN A 136 -33.95 29.93 -54.18
CA GLN A 136 -33.79 29.10 -52.97
C GLN A 136 -34.48 29.75 -51.75
N LYS A 137 -34.55 29.02 -50.63
CA LYS A 137 -35.05 29.58 -49.37
C LYS A 137 -34.14 30.71 -48.88
N GLN A 138 -32.82 30.46 -48.92
CA GLN A 138 -31.81 31.44 -48.53
C GLN A 138 -32.02 32.80 -49.22
N GLN A 139 -32.29 32.76 -50.53
CA GLN A 139 -32.47 33.96 -51.34
C GLN A 139 -33.69 34.76 -50.90
N LEU A 140 -34.88 34.14 -50.97
CA LEU A 140 -36.16 34.79 -50.62
C LEU A 140 -36.10 35.55 -49.29
N VAL A 141 -35.26 35.06 -48.38
CA VAL A 141 -35.01 35.68 -47.09
C VAL A 141 -34.19 36.96 -47.25
N ASP A 142 -32.99 36.83 -47.83
CA ASP A 142 -32.16 37.99 -48.13
C ASP A 142 -32.97 39.05 -48.89
N ALA A 143 -33.93 38.56 -49.67
CA ALA A 143 -34.89 39.40 -50.39
C ALA A 143 -35.82 40.15 -49.45
N PHE A 144 -36.72 39.42 -48.80
CA PHE A 144 -37.71 40.01 -47.88
C PHE A 144 -37.10 40.90 -46.80
N LEU A 145 -35.79 40.78 -46.58
CA LEU A 145 -35.06 41.56 -45.57
C LEU A 145 -34.49 42.87 -46.10
N LYS A 146 -34.02 42.85 -47.35
CA LYS A 146 -33.63 44.07 -48.04
C LYS A 146 -34.85 44.98 -48.23
N LEU A 147 -35.99 44.40 -48.61
CA LEU A 147 -37.25 45.11 -48.86
C LEU A 147 -37.81 45.84 -47.63
N ALA A 148 -37.83 45.16 -46.49
CA ALA A 148 -38.34 45.72 -45.23
C ALA A 148 -37.36 46.75 -44.64
N LYS A 149 -36.11 46.71 -45.08
CA LYS A 149 -35.06 47.61 -44.59
C LYS A 149 -35.14 49.03 -45.20
N GLN A 150 -35.64 49.13 -46.42
CA GLN A 150 -35.83 50.42 -47.08
C GLN A 150 -37.24 50.98 -46.78
N ARG A 151 -38.26 50.30 -47.29
CA ARG A 151 -39.65 50.69 -47.05
C ARG A 151 -40.15 49.97 -45.80
N SER A 152 -39.80 50.53 -44.65
CA SER A 152 -40.03 49.91 -43.35
C SER A 152 -41.49 49.57 -43.08
N VAL A 153 -42.39 50.47 -43.48
CA VAL A 153 -43.82 50.38 -43.15
C VAL A 153 -44.49 49.14 -43.80
N ILE A 154 -43.94 48.72 -44.94
CA ILE A 154 -44.41 47.49 -45.61
C ILE A 154 -43.80 46.24 -44.93
N GLY A 155 -42.61 46.41 -44.35
CA GLY A 155 -41.93 45.35 -43.61
C GLY A 155 -42.72 44.83 -42.41
N ALA A 156 -43.46 45.73 -41.75
CA ALA A 156 -44.28 45.36 -40.59
C ALA A 156 -45.55 44.61 -41.00
N VAL A 157 -45.93 44.74 -42.26
CA VAL A 157 -47.07 44.01 -42.83
C VAL A 157 -46.67 42.59 -43.27
N ILE A 158 -45.43 42.46 -43.76
CA ILE A 158 -44.81 41.16 -44.10
C ILE A 158 -44.78 40.29 -42.84
N LEU A 159 -43.99 40.77 -41.87
CA LEU A 159 -43.92 40.21 -40.52
C LEU A 159 -45.30 39.83 -39.99
N LYS A 160 -46.28 40.74 -40.14
CA LYS A 160 -47.67 40.50 -39.71
C LYS A 160 -48.26 39.21 -40.30
N ARG A 161 -48.02 38.99 -41.59
CA ARG A 161 -48.50 37.78 -42.26
C ARG A 161 -47.57 36.61 -42.00
N ALA A 162 -46.27 36.83 -42.25
CA ALA A 162 -45.24 35.82 -42.00
C ALA A 162 -45.57 35.11 -40.69
N LYS A 163 -45.85 35.91 -39.66
CA LYS A 163 -46.33 35.42 -38.37
C LYS A 163 -47.60 34.59 -38.51
N ALA A 164 -48.69 35.24 -38.96
CA ALA A 164 -49.98 34.57 -39.13
C ALA A 164 -49.86 33.30 -39.95
N LEU A 165 -48.95 33.31 -40.91
CA LEU A 165 -48.70 32.17 -41.80
C LEU A 165 -47.90 31.03 -41.15
N ALA A 166 -46.89 31.37 -40.35
CA ALA A 166 -46.05 30.40 -39.60
C ALA A 166 -46.82 29.64 -38.52
N GLY A 167 -47.72 30.33 -37.84
CA GLY A 167 -48.69 29.69 -36.95
C GLY A 167 -48.39 29.96 -35.50
N GLN A 168 -48.87 29.07 -34.64
CA GLN A 168 -48.52 29.06 -33.22
C GLN A 168 -47.07 28.54 -33.01
N SER A 169 -46.29 29.26 -32.20
CA SER A 169 -44.87 28.92 -32.05
C SER A 169 -44.26 29.24 -30.69
N VAL A 170 -43.54 28.27 -30.16
CA VAL A 170 -42.82 28.38 -28.89
C VAL A 170 -41.32 28.48 -29.08
N ARG A 171 -40.64 29.04 -28.08
CA ARG A 171 -39.18 28.99 -27.98
C ARG A 171 -38.70 28.95 -26.54
N ILE A 172 -37.64 28.20 -26.30
CA ILE A 172 -37.04 28.13 -24.97
C ILE A 172 -36.46 29.49 -24.65
N CYS A 173 -36.75 30.01 -23.46
CA CYS A 173 -36.24 31.31 -23.07
C CYS A 173 -34.78 31.15 -22.81
N LYS A 174 -34.01 31.98 -23.50
CA LYS A 174 -32.56 31.95 -23.44
C LYS A 174 -31.97 32.17 -22.03
N GLY A 175 -32.68 32.89 -21.17
CA GLY A 175 -32.14 33.30 -19.87
C GLY A 175 -32.06 32.18 -18.85
N PRO A 176 -33.21 31.54 -18.57
CA PRO A 176 -33.19 30.33 -17.75
C PRO A 176 -32.37 29.26 -18.44
N ARG A 177 -32.48 29.11 -19.75
CA ARG A 177 -31.70 28.12 -20.47
C ARG A 177 -30.24 28.25 -20.03
N ALA A 178 -29.75 29.48 -20.07
CA ALA A 178 -28.36 29.79 -19.75
C ALA A 178 -27.89 29.20 -18.43
N VAL A 179 -28.74 29.29 -17.39
CA VAL A 179 -28.39 28.77 -16.06
C VAL A 179 -28.18 27.26 -16.15
N PHE A 180 -29.09 26.55 -16.81
CA PHE A 180 -28.93 25.10 -16.95
C PHE A 180 -27.67 24.69 -17.71
N SER A 181 -27.26 25.48 -18.69
CA SER A 181 -26.04 25.17 -19.40
C SER A 181 -24.86 25.35 -18.47
N ARG A 182 -24.83 26.42 -17.68
CA ARG A 182 -23.72 26.58 -16.77
C ARG A 182 -23.68 25.41 -15.78
N ILE A 183 -24.84 24.90 -15.44
CA ILE A 183 -24.91 23.77 -14.53
C ILE A 183 -24.34 22.53 -15.22
N LEU A 184 -24.78 22.35 -16.45
CA LEU A 184 -24.28 21.31 -17.29
C LEU A 184 -22.82 21.39 -17.50
N LEU A 185 -22.31 22.60 -17.65
CA LEU A 185 -20.89 22.80 -17.85
C LEU A 185 -20.19 22.25 -16.64
N LEU A 186 -20.71 22.56 -15.46
CA LEU A 186 -20.00 22.23 -14.28
C LEU A 186 -20.01 20.75 -14.07
N PHE A 187 -21.15 20.15 -14.37
CA PHE A 187 -21.34 18.72 -14.22
C PHE A 187 -20.27 18.02 -15.04
N SER A 188 -19.95 18.63 -16.16
CA SER A 188 -19.06 18.03 -17.12
C SER A 188 -17.58 18.14 -16.80
N LEU A 189 -17.14 18.97 -15.85
CA LEU A 189 -15.72 18.94 -15.53
C LEU A 189 -15.36 17.63 -14.83
N THR A 190 -16.26 17.20 -13.93
CA THR A 190 -16.11 16.01 -13.08
C THR A 190 -16.43 14.74 -13.86
N ASP A 191 -17.18 14.89 -14.93
CA ASP A 191 -17.28 13.81 -15.85
C ASP A 191 -16.32 14.11 -17.02
N SER A 192 -15.05 14.29 -16.66
CA SER A 192 -13.91 14.64 -17.57
C SER A 192 -14.17 15.90 -18.39
N MET A 193 -15.34 15.89 -19.00
CA MET A 193 -15.74 16.73 -20.08
C MET A 193 -16.72 15.76 -20.70
N GLU A 194 -17.94 15.72 -20.16
CA GLU A 194 -19.01 14.87 -20.70
C GLU A 194 -19.04 14.96 -22.22
N ASP A 195 -18.32 15.96 -22.72
CA ASP A 195 -18.11 16.28 -24.11
C ASP A 195 -17.78 17.76 -24.14
N GLU A 196 -16.83 18.15 -24.98
CA GLU A 196 -16.65 19.57 -25.28
C GLU A 196 -17.76 20.04 -26.23
N ASP A 197 -18.24 19.10 -27.06
CA ASP A 197 -19.25 19.40 -28.06
C ASP A 197 -20.66 19.53 -27.45
N ALA A 198 -20.97 18.67 -26.49
CA ALA A 198 -22.24 18.71 -25.81
C ALA A 198 -22.33 19.96 -24.93
N ALA A 199 -21.32 20.13 -24.07
CA ALA A 199 -21.33 21.16 -23.04
C ALA A 199 -20.81 22.51 -23.51
N CYS A 200 -19.63 22.51 -24.13
CA CYS A 200 -18.86 23.74 -24.35
C CYS A 200 -19.28 24.61 -25.55
N GLY A 201 -19.94 23.99 -26.54
CA GLY A 201 -20.22 24.66 -27.81
C GLY A 201 -21.64 24.59 -28.30
N GLY A 202 -21.94 25.48 -29.26
CA GLY A 202 -23.32 25.75 -29.73
C GLY A 202 -24.01 26.39 -28.54
N GLN A 203 -24.72 25.55 -27.79
CA GLN A 203 -24.75 25.67 -26.34
C GLN A 203 -25.20 24.39 -25.66
N GLY A 204 -24.80 24.27 -24.40
CA GLY A 204 -24.93 23.06 -23.61
C GLY A 204 -26.23 22.31 -23.78
N GLN A 205 -26.13 21.11 -24.32
CA GLN A 205 -27.14 20.08 -24.17
C GLN A 205 -26.40 18.90 -23.62
N LEU A 206 -27.13 17.90 -23.15
CA LEU A 206 -26.52 16.67 -22.66
C LEU A 206 -26.07 15.88 -23.86
N SER A 207 -24.86 15.29 -23.79
CA SER A 207 -24.42 14.32 -24.78
C SER A 207 -25.45 13.18 -24.94
N THR A 208 -25.47 12.56 -26.11
CA THR A 208 -26.36 11.41 -26.34
C THR A 208 -26.22 10.34 -25.26
N VAL A 209 -25.00 9.89 -25.01
CA VAL A 209 -24.79 8.74 -24.11
C VAL A 209 -25.25 9.08 -22.70
N LEU A 210 -25.03 10.33 -22.30
CA LEU A 210 -25.33 10.73 -20.93
C LEU A 210 -26.82 10.77 -20.74
N LEU A 211 -27.49 11.55 -21.60
CA LEU A 211 -28.93 11.66 -21.59
C LEU A 211 -29.61 10.32 -21.54
N VAL A 212 -29.19 9.38 -22.37
CA VAL A 212 -29.79 8.06 -22.30
C VAL A 212 -29.53 7.37 -20.96
N ASN A 213 -28.25 7.24 -20.59
CA ASN A 213 -27.85 6.31 -19.52
C ASN A 213 -27.78 6.77 -18.06
N LEU A 214 -27.52 8.06 -17.83
CA LEU A 214 -27.22 8.55 -16.48
C LEU A 214 -28.23 8.07 -15.46
N GLY A 215 -29.50 8.24 -15.75
CA GLY A 215 -30.55 7.74 -14.87
C GLY A 215 -30.40 6.30 -14.37
N ARG A 216 -29.80 5.42 -15.17
CA ARG A 216 -29.64 4.02 -14.79
C ARG A 216 -28.28 3.73 -14.16
N MET A 217 -27.24 4.36 -14.68
CA MET A 217 -25.85 4.21 -14.24
C MET A 217 -25.65 4.11 -12.74
N GLU A 218 -24.77 3.22 -12.32
CA GLU A 218 -24.40 3.08 -10.92
C GLU A 218 -22.88 3.30 -10.82
N PHE A 219 -22.45 4.16 -9.91
CA PHE A 219 -21.03 4.58 -9.87
C PHE A 219 -20.17 3.90 -8.81
N PRO A 220 -18.83 3.81 -9.05
CA PRO A 220 -17.94 3.24 -8.05
C PRO A 220 -18.05 4.04 -6.76
N SER A 221 -18.00 3.36 -5.62
CA SER A 221 -18.03 4.11 -4.36
C SER A 221 -16.68 4.69 -4.03
N TYR A 222 -16.72 5.92 -3.56
CA TYR A 222 -15.52 6.64 -3.16
C TYR A 222 -15.95 7.73 -2.20
N THR A 223 -14.99 8.42 -1.59
CA THR A 223 -15.34 9.47 -0.64
C THR A 223 -15.09 10.81 -1.25
N ILE A 224 -16.14 11.61 -1.32
CA ILE A 224 -15.97 12.96 -1.78
C ILE A 224 -15.09 13.69 -0.80
N ASN A 225 -14.03 14.32 -1.28
CA ASN A 225 -13.14 15.10 -0.43
C ASN A 225 -12.53 16.27 -1.17
N ARG A 226 -13.20 17.41 -1.16
CA ARG A 226 -12.74 18.59 -1.86
C ARG A 226 -12.07 19.50 -0.86
N LYS A 227 -10.82 19.87 -1.11
CA LYS A 227 -10.21 20.82 -0.17
C LYS A 227 -9.78 22.14 -0.83
N THR A 228 -10.02 22.27 -2.13
CA THR A 228 -9.64 23.46 -2.87
C THR A 228 -10.75 23.90 -3.80
N HIS A 229 -10.92 25.22 -3.88
CA HIS A 229 -11.80 25.82 -4.88
C HIS A 229 -11.11 25.79 -6.25
N ILE A 230 -11.88 25.62 -7.32
CA ILE A 230 -11.35 25.78 -8.67
C ILE A 230 -11.57 27.19 -9.11
N PHE A 231 -12.81 27.67 -8.95
CA PHE A 231 -13.14 29.05 -9.32
C PHE A 231 -13.17 30.03 -8.15
N GLN A 232 -12.54 31.19 -8.33
CA GLN A 232 -12.50 32.26 -7.31
C GLN A 232 -13.89 32.75 -6.95
N ASP A 233 -14.72 32.96 -7.97
CA ASP A 233 -16.08 33.43 -7.80
C ASP A 233 -16.87 33.19 -9.08
N ARG A 234 -18.17 33.44 -9.02
CA ARG A 234 -19.02 33.38 -10.19
C ARG A 234 -18.41 34.13 -11.40
N ASP A 235 -17.42 34.99 -11.18
CA ASP A 235 -16.84 35.73 -12.30
C ASP A 235 -15.84 34.89 -13.05
N ASP A 236 -14.93 34.30 -12.29
CA ASP A 236 -14.01 33.29 -12.80
C ASP A 236 -14.72 32.20 -13.63
N LEU A 237 -15.83 31.69 -13.13
CA LEU A 237 -16.62 30.75 -13.89
C LEU A 237 -17.01 31.36 -15.20
N ILE A 238 -17.51 32.58 -15.19
CA ILE A 238 -18.00 33.18 -16.42
C ILE A 238 -16.86 33.43 -17.43
N ARG A 239 -15.70 33.85 -16.94
CA ARG A 239 -14.55 34.01 -17.81
C ARG A 239 -14.14 32.66 -18.39
N TYR A 240 -14.16 31.60 -17.57
CA TYR A 240 -13.82 30.26 -18.04
C TYR A 240 -14.83 29.83 -19.10
N ALA A 241 -16.13 30.02 -18.81
CA ALA A 241 -17.20 29.61 -19.71
C ALA A 241 -17.04 30.30 -21.04
N ALA A 242 -16.50 31.50 -21.01
CA ALA A 242 -16.31 32.30 -22.22
C ALA A 242 -15.18 31.72 -23.07
N ALA A 243 -14.14 31.22 -22.42
CA ALA A 243 -12.96 30.72 -23.10
C ALA A 243 -13.30 29.38 -23.69
N THR A 244 -13.89 28.52 -22.88
CA THR A 244 -14.57 27.33 -23.33
C THR A 244 -15.37 27.50 -24.63
N HIS A 245 -16.29 28.45 -24.67
CA HIS A 245 -17.16 28.62 -25.84
C HIS A 245 -16.36 29.05 -27.07
N MET A 246 -15.27 29.74 -26.81
CA MET A 246 -14.47 30.27 -27.87
C MET A 246 -13.72 29.14 -28.53
N LEU A 247 -12.96 28.40 -27.74
CA LEU A 247 -12.32 27.16 -28.17
C LEU A 247 -13.26 26.22 -28.93
N SER A 248 -14.49 26.11 -28.46
CA SER A 248 -15.47 25.32 -29.16
C SER A 248 -15.74 25.88 -30.56
N ASP A 249 -16.06 27.15 -30.68
CA ASP A 249 -16.33 27.77 -31.98
C ASP A 249 -15.15 27.70 -32.93
N ILE A 250 -13.94 27.73 -32.41
CA ILE A 250 -12.74 27.60 -33.26
C ILE A 250 -12.64 26.16 -33.75
N SER A 251 -12.67 25.19 -32.83
CA SER A 251 -12.65 23.80 -33.21
C SER A 251 -13.73 23.53 -34.26
N SER A 252 -14.93 24.04 -34.01
CA SER A 252 -15.99 23.96 -34.97
C SER A 252 -15.64 24.52 -36.36
N ALA A 253 -14.99 25.68 -36.42
CA ALA A 253 -14.61 26.27 -37.71
C ALA A 253 -13.67 25.31 -38.46
N MET A 254 -12.52 25.02 -37.86
CA MET A 254 -11.62 23.99 -38.37
C MET A 254 -12.41 22.78 -38.94
N ALA A 255 -13.30 22.22 -38.15
CA ALA A 255 -14.11 21.09 -38.60
C ALA A 255 -14.85 21.36 -39.94
N ASN A 256 -15.38 22.56 -40.12
CA ASN A 256 -16.05 22.94 -41.37
C ASN A 256 -15.11 23.57 -42.41
N GLY A 257 -13.79 23.42 -42.20
CA GLY A 257 -12.79 23.84 -43.18
C GLY A 257 -12.66 25.33 -43.42
N ASN A 258 -13.38 26.14 -42.64
CA ASN A 258 -13.33 27.61 -42.80
C ASN A 258 -12.14 28.21 -42.09
N TRP A 259 -10.96 27.80 -42.54
CA TRP A 259 -9.68 28.12 -41.90
C TRP A 259 -9.41 29.60 -41.78
N GLU A 260 -10.08 30.40 -42.59
CA GLU A 260 -9.91 31.84 -42.52
C GLU A 260 -10.63 32.41 -41.31
N GLU A 261 -11.85 31.94 -41.08
CA GLU A 261 -12.62 32.35 -39.90
C GLU A 261 -11.87 31.96 -38.63
N ALA A 262 -11.42 30.71 -38.61
CA ALA A 262 -10.73 30.17 -37.46
C ALA A 262 -9.47 30.95 -37.14
N LYS A 263 -8.72 31.39 -38.15
CA LYS A 263 -7.55 32.24 -37.88
C LYS A 263 -7.93 33.54 -37.17
N GLU A 264 -9.03 34.16 -37.61
CA GLU A 264 -9.50 35.39 -36.99
C GLU A 264 -9.80 35.05 -35.56
N LEU A 265 -10.84 34.23 -35.40
CA LEU A 265 -11.33 33.79 -34.10
C LEU A 265 -10.20 33.50 -33.14
N ALA A 266 -9.16 32.82 -33.62
CA ALA A 266 -7.98 32.54 -32.81
C ALA A 266 -7.28 33.81 -32.39
N GLN A 267 -6.91 34.64 -33.36
CA GLN A 267 -6.20 35.91 -33.09
C GLN A 267 -7.01 36.73 -32.12
N CYS A 268 -8.31 36.75 -32.37
CA CYS A 268 -9.23 37.41 -31.49
C CYS A 268 -8.98 36.96 -30.07
N ALA A 269 -8.99 35.63 -29.87
CA ALA A 269 -8.80 35.06 -28.55
C ALA A 269 -7.37 35.32 -28.03
N LYS A 270 -6.41 35.35 -28.93
CA LYS A 270 -5.04 35.59 -28.50
C LYS A 270 -4.86 37.00 -27.89
N ARG A 271 -5.71 37.96 -28.29
CA ARG A 271 -5.75 39.27 -27.66
C ARG A 271 -6.23 39.10 -26.26
N ASP A 272 -7.54 38.90 -26.15
CA ASP A 272 -8.22 38.64 -24.90
C ASP A 272 -7.37 37.90 -23.84
N TRP A 273 -6.58 36.91 -24.25
CA TRP A 273 -5.75 36.18 -23.31
C TRP A 273 -4.61 37.03 -22.77
N ASN A 274 -3.91 37.75 -23.64
CA ASN A 274 -2.94 38.74 -23.18
C ASN A 274 -3.57 39.90 -22.42
N ARG A 275 -4.87 40.11 -22.62
CA ARG A 275 -5.61 41.04 -21.77
C ARG A 275 -5.76 40.55 -20.32
N LEU A 276 -5.98 39.24 -20.13
CA LEU A 276 -6.18 38.71 -18.79
C LEU A 276 -4.89 38.47 -18.07
N LYS A 277 -3.77 38.53 -18.77
CA LYS A 277 -2.49 38.06 -18.25
C LYS A 277 -1.87 38.70 -16.96
N ASN A 278 -2.66 39.42 -16.17
CA ASN A 278 -2.19 40.02 -14.93
C ASN A 278 -3.20 39.96 -13.82
N HIS A 279 -4.47 39.82 -14.22
CA HIS A 279 -5.61 39.71 -13.32
C HIS A 279 -5.34 38.84 -12.07
N PRO A 280 -5.95 39.23 -10.93
CA PRO A 280 -5.69 38.55 -9.64
C PRO A 280 -5.84 37.05 -9.70
N SER A 281 -6.90 36.59 -10.40
CA SER A 281 -7.36 35.19 -10.33
C SER A 281 -6.28 34.20 -10.74
N LEU A 282 -5.56 34.52 -11.81
CA LEU A 282 -4.49 33.68 -12.31
C LEU A 282 -3.56 33.16 -11.23
N ARG A 283 -3.06 34.07 -10.36
CA ARG A 283 -2.19 33.70 -9.23
C ARG A 283 -2.65 32.41 -8.54
N CYS A 284 -3.96 32.31 -8.30
CA CYS A 284 -4.56 31.15 -7.63
C CYS A 284 -4.63 29.91 -8.50
N HIS A 285 -4.98 30.12 -9.78
CA HIS A 285 -5.03 29.06 -10.77
C HIS A 285 -3.66 28.43 -10.97
N GLU A 286 -2.68 29.25 -11.32
CA GLU A 286 -1.29 28.80 -11.43
C GLU A 286 -0.93 27.87 -10.30
N ASP A 287 -1.60 28.07 -9.18
CA ASP A 287 -1.25 27.41 -7.93
C ASP A 287 -1.99 26.15 -7.67
N LEU A 288 -2.97 25.86 -8.51
CA LEU A 288 -3.76 24.64 -8.37
C LEU A 288 -2.95 23.40 -8.78
N PRO A 289 -3.22 22.23 -8.19
CA PRO A 289 -2.63 21.02 -8.76
C PRO A 289 -3.11 20.79 -10.19
N LEU A 290 -2.20 20.32 -11.04
CA LEU A 290 -2.48 20.11 -12.45
C LEU A 290 -3.85 19.49 -12.74
N PHE A 291 -4.21 18.41 -12.03
CA PHE A 291 -5.47 17.78 -12.37
C PHE A 291 -6.67 18.72 -12.26
N LEU A 292 -6.50 19.81 -11.52
CA LEU A 292 -7.49 20.88 -11.43
C LEU A 292 -7.14 22.07 -12.30
N ARG A 293 -5.85 22.32 -12.52
CA ARG A 293 -5.45 23.43 -13.35
C ARG A 293 -5.97 23.36 -14.78
N CYS A 294 -6.32 22.18 -15.26
CA CYS A 294 -6.97 22.07 -16.56
C CYS A 294 -8.34 22.76 -16.63
N PHE A 295 -8.99 22.94 -15.49
CA PHE A 295 -10.23 23.70 -15.47
C PHE A 295 -10.07 25.20 -15.14
N THR A 296 -9.26 25.93 -15.88
CA THR A 296 -9.07 27.36 -15.62
C THR A 296 -9.16 28.12 -16.94
N VAL A 297 -9.34 29.44 -16.92
CA VAL A 297 -9.19 30.19 -18.18
C VAL A 297 -7.84 29.97 -18.86
N GLY A 298 -6.74 30.07 -18.13
CA GLY A 298 -5.42 30.05 -18.75
C GLY A 298 -5.22 28.74 -19.51
N TRP A 299 -5.64 27.64 -18.90
CA TRP A 299 -5.52 26.38 -19.56
C TRP A 299 -6.32 26.38 -20.87
N ILE A 300 -7.58 26.78 -20.83
CA ILE A 300 -8.38 26.87 -22.06
C ILE A 300 -7.76 27.80 -23.12
N TYR A 301 -7.17 28.93 -22.70
CA TYR A 301 -6.55 29.86 -23.66
C TYR A 301 -5.32 29.26 -24.34
N THR A 302 -4.46 28.66 -23.54
CA THR A 302 -3.37 27.82 -24.06
C THR A 302 -3.88 26.78 -25.07
N ARG A 303 -4.92 26.01 -24.69
CA ARG A 303 -5.49 25.01 -25.58
C ARG A 303 -5.87 25.64 -26.88
N ILE A 304 -6.58 26.77 -26.82
CA ILE A 304 -6.83 27.66 -27.98
C ILE A 304 -5.54 28.01 -28.78
N LEU A 305 -4.49 28.49 -28.10
CA LEU A 305 -3.24 28.78 -28.80
C LEU A 305 -2.66 27.58 -29.50
N SER A 306 -2.79 26.39 -28.93
CA SER A 306 -2.44 25.15 -29.65
C SER A 306 -3.20 24.97 -30.96
N ARG A 307 -4.53 25.09 -30.92
CA ARG A 307 -5.29 25.01 -32.15
C ARG A 307 -4.75 26.04 -33.12
N PHE A 308 -4.30 27.18 -32.58
CA PHE A 308 -3.79 28.26 -33.42
C PHE A 308 -2.56 27.79 -34.15
N VAL A 309 -1.70 26.99 -33.52
CA VAL A 309 -0.55 26.58 -34.32
C VAL A 309 -1.00 25.57 -35.37
N GLU A 310 -2.05 24.80 -35.07
CA GLU A 310 -2.60 23.90 -36.07
C GLU A 310 -3.06 24.67 -37.29
N ILE A 311 -3.74 25.78 -37.04
CA ILE A 311 -4.27 26.66 -38.10
C ILE A 311 -3.15 27.34 -38.92
N LEU A 312 -2.12 27.81 -38.21
CA LEU A 312 -0.98 28.43 -38.86
C LEU A 312 -0.36 27.41 -39.80
N GLN A 313 -0.28 26.16 -39.34
CA GLN A 313 0.22 25.03 -40.16
C GLN A 313 -0.59 24.73 -41.43
N ARG A 314 -1.90 24.53 -41.29
CA ARG A 314 -2.75 24.37 -42.45
C ARG A 314 -2.59 25.50 -43.50
N LEU A 315 -2.63 26.76 -43.06
CA LEU A 315 -2.43 27.91 -43.97
C LEU A 315 -0.95 28.07 -44.33
N HIS A 316 -0.20 27.02 -44.05
CA HIS A 316 1.21 26.98 -44.41
C HIS A 316 2.10 28.10 -43.91
N MET A 317 1.56 29.00 -43.09
CA MET A 317 2.40 30.02 -42.46
C MET A 317 3.33 29.41 -41.40
N TYR A 318 4.39 28.75 -41.85
CA TYR A 318 5.26 27.97 -40.96
C TYR A 318 6.20 28.76 -40.04
N GLU A 319 6.41 30.06 -40.31
CA GLU A 319 7.32 30.83 -39.46
C GLU A 319 6.59 31.18 -38.21
N GLU A 320 5.36 31.64 -38.41
CA GLU A 320 4.47 32.03 -37.33
C GLU A 320 4.23 30.84 -36.42
N ALA A 321 3.91 29.69 -37.02
CA ALA A 321 3.66 28.48 -36.28
C ALA A 321 4.85 28.14 -35.39
N VAL A 322 6.06 28.42 -35.87
CA VAL A 322 7.25 28.15 -35.06
C VAL A 322 7.33 29.11 -33.89
N ARG A 323 7.01 30.37 -34.14
CA ARG A 323 7.01 31.37 -33.07
C ARG A 323 6.04 30.93 -32.00
N GLU A 324 4.81 30.63 -32.43
CA GLU A 324 3.74 30.22 -31.54
C GLU A 324 4.11 29.00 -30.72
N LEU A 325 4.74 28.03 -31.36
CA LEU A 325 5.20 26.83 -30.67
C LEU A 325 6.25 27.19 -29.66
N GLU A 326 7.14 28.12 -30.02
CA GLU A 326 8.18 28.54 -29.09
C GLU A 326 7.63 29.32 -27.91
N SER A 327 6.56 30.07 -28.16
CA SER A 327 5.80 30.72 -27.11
C SER A 327 5.26 29.68 -26.12
N LEU A 328 4.33 28.85 -26.58
CA LEU A 328 3.80 27.75 -25.79
C LEU A 328 4.87 27.00 -24.97
N LEU A 329 6.00 26.68 -25.58
CA LEU A 329 7.05 25.97 -24.88
C LEU A 329 7.81 26.84 -23.88
N SER A 330 7.71 28.15 -24.01
CA SER A 330 8.41 29.03 -23.05
C SER A 330 7.86 28.97 -21.63
N GLN A 331 6.62 28.52 -21.46
CA GLN A 331 6.05 28.36 -20.12
C GLN A 331 5.72 26.90 -19.76
N ARG A 332 5.82 26.57 -18.48
CA ARG A 332 5.46 25.23 -17.99
C ARG A 332 4.20 25.29 -17.13
N ILE A 333 3.51 26.44 -17.15
CA ILE A 333 2.27 26.59 -16.36
C ILE A 333 1.09 25.82 -16.91
N TYR A 334 0.78 26.03 -18.17
CA TYR A 334 -0.35 25.39 -18.80
C TYR A 334 0.02 24.30 -19.80
N CYS A 335 -0.73 23.19 -19.70
CA CYS A 335 -0.66 22.05 -20.60
C CYS A 335 0.70 21.41 -20.68
N PRO A 336 1.35 21.17 -19.56
CA PRO A 336 2.65 20.50 -19.73
C PRO A 336 2.57 19.14 -20.42
N ASP A 337 1.46 18.41 -20.29
CA ASP A 337 1.27 17.14 -21.01
C ASP A 337 1.34 17.29 -22.53
N SER A 338 1.17 18.54 -23.00
CA SER A 338 1.19 18.85 -24.43
C SER A 338 2.54 19.22 -25.02
N ARG A 339 3.61 19.15 -24.23
CA ARG A 339 4.87 19.72 -24.68
C ARG A 339 5.50 18.79 -25.68
N GLY A 340 5.30 17.49 -25.46
CA GLY A 340 5.73 16.44 -26.39
C GLY A 340 5.19 16.68 -27.78
N ARG A 341 3.87 16.91 -27.86
CA ARG A 341 3.28 17.26 -29.12
C ARG A 341 3.95 18.48 -29.69
N TRP A 342 4.13 19.53 -28.88
CA TRP A 342 4.81 20.75 -29.35
C TRP A 342 6.25 20.58 -29.81
N TRP A 343 7.11 19.96 -28.98
CA TRP A 343 8.52 19.88 -29.33
C TRP A 343 8.69 19.19 -30.66
N ASP A 344 7.96 18.06 -30.81
CA ASP A 344 7.91 17.26 -32.01
C ASP A 344 7.49 18.14 -33.17
N ARG A 345 6.30 18.71 -33.03
CA ARG A 345 5.74 19.64 -34.01
C ARG A 345 6.68 20.80 -34.34
N LEU A 346 7.41 21.30 -33.35
CA LEU A 346 8.34 22.41 -33.58
C LEU A 346 9.41 21.90 -34.52
N ALA A 347 10.22 20.96 -34.03
CA ALA A 347 11.25 20.27 -34.82
C ALA A 347 10.79 19.88 -36.22
N LEU A 348 9.63 19.23 -36.37
CA LEU A 348 9.17 18.89 -37.70
C LEU A 348 9.06 20.14 -38.56
N ASN A 349 8.47 21.20 -38.04
CA ASN A 349 8.39 22.44 -38.84
C ASN A 349 9.76 22.98 -39.23
N LEU A 350 10.66 23.12 -38.25
CA LEU A 350 12.01 23.64 -38.48
C LEU A 350 12.77 22.84 -39.55
N HIS A 351 12.72 21.51 -39.41
CA HIS A 351 13.47 20.62 -40.29
C HIS A 351 12.84 20.50 -41.69
N GLN A 352 11.58 20.11 -41.75
CA GLN A 352 10.91 19.95 -43.02
C GLN A 352 10.64 21.26 -43.71
N HIS A 353 9.83 22.10 -43.08
CA HIS A 353 9.32 23.26 -43.76
C HIS A 353 10.27 24.43 -43.79
N LEU A 354 10.93 24.73 -42.67
CA LEU A 354 11.80 25.89 -42.65
C LEU A 354 13.29 25.54 -42.80
N LYS A 355 13.55 24.33 -43.29
CA LYS A 355 14.91 23.82 -43.53
C LYS A 355 16.08 24.34 -42.69
N ARG A 356 15.79 24.93 -41.54
CA ARG A 356 16.80 25.51 -40.68
C ARG A 356 17.43 24.39 -39.82
N LEU A 357 18.49 23.76 -40.35
CA LEU A 357 19.09 22.58 -39.72
C LEU A 357 19.82 22.87 -38.42
N GLU A 358 20.26 24.12 -38.26
CA GLU A 358 20.81 24.60 -36.98
C GLU A 358 19.78 24.45 -35.83
N PRO A 359 18.69 25.25 -35.84
CA PRO A 359 17.70 25.17 -34.76
C PRO A 359 17.11 23.78 -34.58
N THR A 360 16.76 23.10 -35.67
CA THR A 360 16.25 21.74 -35.60
C THR A 360 17.00 20.91 -34.56
N ILE A 361 18.31 21.11 -34.46
CA ILE A 361 19.12 20.38 -33.49
C ILE A 361 18.93 20.87 -32.05
N LYS A 362 18.94 22.19 -31.84
CA LYS A 362 18.72 22.77 -30.51
C LYS A 362 17.36 22.37 -29.98
N CYS A 363 16.38 22.50 -30.87
CA CYS A 363 15.04 22.02 -30.68
C CYS A 363 15.05 20.59 -30.19
N ILE A 364 15.51 19.67 -31.05
CA ILE A 364 15.54 18.23 -30.72
C ILE A 364 16.23 17.96 -29.39
N THR A 365 17.31 18.69 -29.12
CA THR A 365 18.12 18.52 -27.90
C THR A 365 17.33 18.86 -26.63
N GLU A 366 16.80 20.09 -26.61
CA GLU A 366 16.00 20.60 -25.50
C GLU A 366 14.79 19.71 -25.26
N GLY A 367 14.11 19.35 -26.35
CA GLY A 367 12.95 18.48 -26.31
C GLY A 367 13.23 17.16 -25.62
N LEU A 368 14.37 16.56 -25.94
CA LEU A 368 14.70 15.25 -25.41
C LEU A 368 15.24 15.39 -24.00
N ALA A 369 15.50 16.63 -23.58
CA ALA A 369 15.94 16.90 -22.21
C ALA A 369 14.78 17.27 -21.27
N ASP A 370 13.60 17.47 -21.87
CA ASP A 370 12.36 17.80 -21.18
C ASP A 370 11.62 16.56 -20.68
N PRO A 371 11.64 16.32 -19.36
CA PRO A 371 11.07 15.10 -18.82
C PRO A 371 9.57 15.04 -19.08
N GLU A 372 9.04 16.18 -19.52
CA GLU A 372 7.67 16.24 -19.95
C GLU A 372 7.36 15.37 -21.17
N VAL A 373 8.29 15.27 -22.14
CA VAL A 373 7.99 14.50 -23.37
C VAL A 373 8.14 13.01 -23.13
N ARG A 374 7.26 12.19 -23.69
CA ARG A 374 7.24 10.76 -23.36
C ARG A 374 6.99 9.92 -24.58
N THR A 375 7.10 8.61 -24.41
CA THR A 375 6.66 7.63 -25.44
C THR A 375 6.78 8.11 -26.92
N GLY A 376 5.64 8.24 -27.58
CA GLY A 376 5.63 8.47 -29.02
C GLY A 376 6.51 9.61 -29.46
N HIS A 377 6.23 10.79 -28.89
CA HIS A 377 6.94 12.02 -29.22
C HIS A 377 8.42 11.94 -28.84
N ARG A 378 8.70 11.42 -27.65
CA ARG A 378 10.08 11.14 -27.27
C ARG A 378 10.79 10.36 -28.40
N LEU A 379 10.19 9.26 -28.83
CA LEU A 379 10.80 8.42 -29.83
C LEU A 379 10.99 9.19 -31.13
N SER A 380 9.92 9.86 -31.54
CA SER A 380 9.90 10.64 -32.76
C SER A 380 10.96 11.72 -32.76
N LEU A 381 11.32 12.25 -31.61
CA LEU A 381 12.43 13.19 -31.57
C LEU A 381 13.78 12.50 -31.70
N TYR A 382 13.89 11.34 -31.06
CA TYR A 382 15.14 10.59 -31.12
C TYR A 382 15.40 10.11 -32.54
N GLN A 383 14.33 9.75 -33.23
CA GLN A 383 14.43 9.21 -34.57
C GLN A 383 14.88 10.28 -35.54
N ARG A 384 14.30 11.46 -35.44
CA ARG A 384 14.73 12.58 -36.25
C ARG A 384 16.20 12.88 -36.01
N ALA A 385 16.63 12.77 -34.76
CA ALA A 385 18.03 12.98 -34.40
C ALA A 385 18.97 12.08 -35.22
N VAL A 386 18.76 10.77 -35.18
CA VAL A 386 19.62 9.85 -35.95
C VAL A 386 19.54 10.17 -37.45
N ARG A 387 18.34 10.10 -38.04
CA ARG A 387 18.15 10.46 -39.44
C ARG A 387 18.96 11.70 -39.80
N LEU A 388 19.03 12.63 -38.85
CA LEU A 388 19.70 13.92 -39.07
C LEU A 388 21.20 13.81 -38.92
N ARG A 389 21.68 13.25 -37.80
CA ARG A 389 23.11 13.19 -37.51
C ARG A 389 23.88 12.37 -38.55
N GLU A 390 23.25 11.29 -38.99
CA GLU A 390 23.87 10.32 -39.89
C GLU A 390 23.57 10.70 -41.35
N SER A 391 23.08 11.91 -41.53
CA SER A 391 22.85 12.48 -42.84
C SER A 391 24.07 13.32 -43.22
N PRO A 392 24.46 13.27 -44.51
CA PRO A 392 25.54 14.12 -45.00
C PRO A 392 25.14 15.61 -44.97
N SER A 393 23.91 15.91 -45.39
CA SER A 393 23.38 17.27 -45.39
C SER A 393 23.53 17.93 -44.02
N CYS A 394 24.21 17.23 -43.14
CA CYS A 394 24.30 17.57 -41.74
C CYS A 394 25.72 17.37 -41.22
N LYS A 395 26.45 16.44 -41.84
CA LYS A 395 27.75 15.94 -41.33
C LYS A 395 28.76 16.95 -40.76
N LYS A 396 28.81 18.16 -41.32
CA LYS A 396 29.76 19.20 -40.89
C LYS A 396 29.52 19.74 -39.46
N PHE A 397 29.52 18.83 -38.50
CA PHE A 397 29.18 19.12 -37.10
C PHE A 397 29.41 17.84 -36.27
N LYS A 398 29.45 17.98 -34.95
CA LYS A 398 29.44 16.83 -34.02
C LYS A 398 28.57 17.10 -32.79
N HIS A 399 27.56 17.95 -32.98
CA HIS A 399 26.68 18.43 -31.90
C HIS A 399 25.49 17.50 -31.61
N LEU A 400 25.31 16.44 -32.41
CA LEU A 400 24.29 15.41 -32.13
C LEU A 400 24.88 14.06 -31.74
N PHE A 401 26.20 13.94 -31.84
CA PHE A 401 26.89 12.84 -31.20
C PHE A 401 26.77 13.04 -29.68
N GLN A 402 26.53 14.30 -29.29
CA GLN A 402 26.31 14.69 -27.90
C GLN A 402 25.48 13.66 -27.13
N GLN A 403 26.16 12.63 -26.65
CA GLN A 403 25.63 11.63 -25.71
C GLN A 403 24.11 11.39 -25.79
N LEU A 404 23.62 10.99 -26.97
CA LEU A 404 22.21 10.66 -27.10
C LEU A 404 21.98 9.23 -26.62
N PRO A 405 21.23 9.05 -25.51
CA PRO A 405 21.00 7.70 -24.97
C PRO A 405 20.46 6.81 -26.07
N GLU A 406 21.13 5.69 -26.32
CA GLU A 406 20.81 4.89 -27.50
C GLU A 406 19.52 4.06 -27.37
N MET A 407 18.39 4.76 -27.26
CA MET A 407 17.03 4.19 -27.19
C MET A 407 16.64 3.50 -28.51
N ALA A 408 17.46 2.53 -28.91
CA ALA A 408 17.21 1.75 -30.12
C ALA A 408 16.07 0.75 -29.87
N VAL A 409 14.82 1.20 -30.08
CA VAL A 409 13.64 0.34 -29.96
C VAL A 409 13.89 -0.97 -30.70
N GLN A 410 13.98 -2.07 -29.94
CA GLN A 410 14.32 -3.42 -30.46
C GLN A 410 13.37 -3.84 -31.57
N ASP A 411 13.80 -4.76 -32.43
CA ASP A 411 13.03 -5.09 -33.61
C ASP A 411 12.06 -6.25 -33.45
N VAL A 412 10.96 -6.14 -34.19
CA VAL A 412 9.75 -6.92 -33.95
C VAL A 412 9.44 -7.82 -35.13
N LYS A 413 9.01 -9.04 -34.84
CA LYS A 413 8.62 -9.98 -35.89
C LYS A 413 7.44 -9.46 -36.70
N HIS A 414 7.68 -9.23 -37.99
CA HIS A 414 6.62 -8.87 -38.93
C HIS A 414 6.15 -10.08 -39.76
N VAL A 415 4.91 -10.05 -40.21
CA VAL A 415 4.27 -11.16 -40.88
C VAL A 415 3.29 -10.60 -41.87
N THR A 416 3.04 -11.30 -42.97
CA THR A 416 2.09 -10.81 -43.97
C THR A 416 1.09 -11.85 -44.43
N ILE A 417 -0.15 -11.43 -44.56
CA ILE A 417 -1.20 -12.26 -45.10
C ILE A 417 -1.96 -11.48 -46.17
N THR A 418 -2.84 -12.16 -46.88
CA THR A 418 -3.60 -11.54 -47.95
C THR A 418 -5.09 -11.70 -47.64
N GLY A 419 -5.90 -10.82 -48.20
CA GLY A 419 -7.33 -10.90 -48.03
C GLY A 419 -7.98 -10.25 -49.23
N ARG A 420 -9.16 -10.75 -49.60
CA ARG A 420 -9.84 -10.23 -50.77
C ARG A 420 -10.62 -8.96 -50.44
N LEU A 421 -10.05 -7.83 -50.86
CA LEU A 421 -10.66 -6.50 -50.65
C LEU A 421 -12.01 -6.40 -51.36
N CYS A 422 -12.86 -5.48 -50.93
CA CYS A 422 -14.21 -5.40 -51.47
C CYS A 422 -14.52 -4.06 -52.12
N LYS A 429 -13.65 3.19 -43.84
CA LYS A 429 -12.77 2.09 -43.42
C LYS A 429 -12.89 0.92 -44.38
N SER A 430 -11.73 0.36 -44.78
CA SER A 430 -11.66 -0.71 -45.77
C SER A 430 -12.37 -1.99 -45.32
N VAL A 431 -13.27 -2.50 -46.17
CA VAL A 431 -14.00 -3.76 -45.93
C VAL A 431 -13.49 -4.90 -46.83
N PHE A 432 -13.15 -6.02 -46.21
CA PHE A 432 -12.70 -7.21 -46.91
C PHE A 432 -13.79 -8.30 -46.90
N VAL A 433 -13.56 -9.37 -47.67
CA VAL A 433 -14.46 -10.53 -47.72
C VAL A 433 -13.71 -11.83 -47.42
N MET A 434 -14.40 -12.74 -46.73
CA MET A 434 -13.88 -14.08 -46.44
C MET A 434 -14.99 -15.15 -46.40
N VAL A 445 -18.42 -13.74 -46.26
CA VAL A 445 -19.05 -12.64 -45.52
C VAL A 445 -18.11 -11.42 -45.39
N LEU A 446 -18.70 -10.26 -45.13
CA LEU A 446 -18.02 -8.98 -44.98
C LEU A 446 -17.47 -8.81 -43.58
N CYS A 447 -16.25 -8.27 -43.48
CA CYS A 447 -15.54 -8.09 -42.20
C CYS A 447 -14.43 -7.02 -42.29
N SER A 448 -13.73 -6.79 -41.18
CA SER A 448 -12.68 -5.77 -41.11
C SER A 448 -11.30 -6.39 -41.24
N VAL A 449 -10.34 -5.58 -41.67
CA VAL A 449 -8.92 -5.94 -41.60
C VAL A 449 -8.63 -6.81 -40.37
N GLU A 450 -9.15 -6.40 -39.21
CA GLU A 450 -8.86 -7.05 -37.95
C GLU A 450 -9.48 -8.46 -37.86
N GLU A 451 -10.79 -8.54 -38.11
CA GLU A 451 -11.52 -9.82 -38.09
C GLU A 451 -10.88 -10.88 -39.00
N LEU A 452 -10.38 -10.42 -40.14
CA LEU A 452 -9.71 -11.26 -41.10
C LEU A 452 -8.48 -11.85 -40.48
N ALA A 453 -7.73 -11.05 -39.74
CA ALA A 453 -6.53 -11.53 -39.07
C ALA A 453 -6.87 -12.50 -37.92
N LEU A 454 -7.92 -12.20 -37.16
CA LEU A 454 -8.32 -13.08 -36.05
C LEU A 454 -8.54 -14.48 -36.57
N ALA A 455 -9.11 -14.55 -37.78
CA ALA A 455 -9.20 -15.79 -38.55
C ALA A 455 -7.85 -16.45 -38.84
N HIS A 456 -6.94 -15.72 -39.48
CA HIS A 456 -5.61 -16.27 -39.75
C HIS A 456 -5.03 -16.90 -38.49
N TYR A 457 -5.38 -16.33 -37.34
CA TYR A 457 -4.83 -16.75 -36.07
C TYR A 457 -5.58 -17.93 -35.45
N ARG A 458 -6.87 -18.04 -35.74
CA ARG A 458 -7.62 -19.25 -35.41
C ARG A 458 -6.99 -20.47 -36.10
N ARG A 459 -6.75 -20.36 -37.41
CA ARG A 459 -6.06 -21.41 -38.17
C ARG A 459 -4.56 -21.47 -37.88
N SER A 460 -4.04 -20.51 -37.13
CA SER A 460 -2.64 -20.59 -36.67
C SER A 460 -2.54 -21.30 -35.34
N GLY A 461 -3.67 -21.80 -34.84
CA GLY A 461 -3.69 -22.55 -33.58
C GLY A 461 -3.80 -21.70 -32.32
N PHE A 462 -4.56 -20.60 -32.44
CA PHE A 462 -5.04 -19.83 -31.30
C PHE A 462 -6.56 -19.80 -31.44
N ASP A 463 -7.25 -20.67 -30.74
CA ASP A 463 -8.71 -20.75 -30.84
C ASP A 463 -9.42 -19.50 -30.31
N GLN A 464 -8.68 -18.72 -29.52
CA GLN A 464 -9.22 -17.60 -28.77
C GLN A 464 -8.55 -16.28 -29.14
N GLY A 465 -9.35 -15.21 -29.15
CA GLY A 465 -8.85 -13.88 -29.44
C GLY A 465 -9.84 -12.77 -29.11
N ILE A 466 -9.32 -11.56 -28.91
CA ILE A 466 -10.16 -10.38 -28.73
C ILE A 466 -9.61 -9.26 -29.55
N HIS A 467 -10.52 -8.53 -30.20
CA HIS A 467 -10.17 -7.26 -30.83
C HIS A 467 -10.54 -6.12 -29.90
N GLY A 468 -9.59 -5.64 -29.12
CA GLY A 468 -9.93 -4.73 -28.04
C GLY A 468 -9.00 -3.55 -27.90
N GLU A 469 -7.92 -3.59 -28.67
CA GLU A 469 -6.90 -2.53 -28.65
C GLU A 469 -6.49 -2.23 -27.23
N GLY A 470 -6.64 -0.98 -26.80
CA GLY A 470 -6.28 -0.58 -25.46
C GLY A 470 -7.27 -0.96 -24.35
N SER A 471 -8.52 -1.30 -24.70
CA SER A 471 -9.49 -1.57 -23.64
C SER A 471 -9.32 -2.94 -23.00
N THR A 472 -8.79 -3.91 -23.77
CA THR A 472 -8.44 -5.20 -23.18
C THR A 472 -7.53 -4.91 -21.98
N PHE A 473 -6.39 -4.28 -22.22
CA PHE A 473 -5.44 -4.05 -21.14
C PHE A 473 -5.90 -3.09 -20.06
N SER A 474 -6.49 -1.99 -20.50
CA SER A 474 -7.02 -1.02 -19.59
C SER A 474 -8.04 -1.63 -18.62
N THR A 475 -9.01 -2.42 -19.12
CA THR A 475 -9.96 -3.01 -18.18
C THR A 475 -9.28 -4.05 -17.29
N LEU A 476 -8.26 -4.76 -17.76
CA LEU A 476 -7.46 -5.63 -16.84
C LEU A 476 -6.76 -4.82 -15.74
N TYR A 477 -6.07 -3.74 -16.08
CA TYR A 477 -5.53 -2.81 -15.10
C TYR A 477 -6.62 -2.36 -14.15
N GLY A 478 -7.77 -2.03 -14.72
CA GLY A 478 -8.88 -1.58 -13.91
C GLY A 478 -9.37 -2.64 -12.94
N LEU A 479 -9.41 -3.89 -13.41
CA LEU A 479 -9.89 -4.99 -12.56
C LEU A 479 -8.93 -5.30 -11.42
N LEU A 480 -7.65 -5.42 -11.74
CA LEU A 480 -6.60 -5.54 -10.77
C LEU A 480 -6.27 -4.31 -9.85
N LEU A 481 -6.57 -3.08 -10.22
CA LEU A 481 -6.20 -2.00 -9.29
C LEU A 481 -7.36 -1.21 -8.79
N TRP A 482 -8.56 -1.67 -9.09
CA TRP A 482 -9.76 -0.91 -8.81
C TRP A 482 -9.73 -0.18 -7.51
N ASP A 483 -9.36 -0.88 -6.45
CA ASP A 483 -9.46 -0.36 -5.08
C ASP A 483 -8.39 0.67 -4.76
N ILE A 484 -7.30 0.59 -5.49
CA ILE A 484 -6.24 1.54 -5.37
C ILE A 484 -6.63 2.82 -6.12
N ILE A 485 -7.48 2.69 -7.14
CA ILE A 485 -7.86 3.86 -7.97
C ILE A 485 -8.88 4.70 -7.22
N PHE A 486 -9.88 4.03 -6.68
CA PHE A 486 -10.87 4.72 -5.90
C PHE A 486 -10.53 4.77 -4.40
N MET A 487 -9.24 4.62 -4.12
CA MET A 487 -8.69 4.63 -2.79
C MET A 487 -9.03 5.94 -2.08
N ASP A 488 -9.29 5.90 -0.78
CA ASP A 488 -9.44 7.15 0.00
C ASP A 488 -8.10 7.88 0.23
N GLY A 489 -8.19 9.11 0.72
CA GLY A 489 -7.03 9.83 1.23
C GLY A 489 -6.23 10.68 0.28
N ILE A 490 -6.67 10.84 -0.97
CA ILE A 490 -6.05 11.83 -1.85
C ILE A 490 -6.95 13.05 -1.95
N PRO A 491 -6.51 14.20 -1.43
CA PRO A 491 -7.42 15.36 -1.48
C PRO A 491 -7.80 15.73 -2.92
N ASP A 492 -9.00 16.27 -3.10
CA ASP A 492 -9.43 16.95 -4.33
C ASP A 492 -9.76 16.10 -5.55
N VAL A 493 -9.29 14.86 -5.59
CA VAL A 493 -9.54 13.98 -6.71
C VAL A 493 -10.99 13.51 -6.83
N PHE A 494 -11.72 13.45 -5.74
CA PHE A 494 -13.12 13.18 -5.88
C PHE A 494 -13.86 14.38 -5.39
N ARG A 495 -14.56 15.05 -6.30
CA ARG A 495 -15.21 16.31 -6.00
C ARG A 495 -16.70 16.17 -5.97
N ASN A 496 -17.23 15.24 -6.74
CA ASN A 496 -18.61 14.93 -6.49
C ASN A 496 -19.13 13.65 -7.10
N ALA A 497 -20.42 13.67 -7.40
CA ALA A 497 -21.26 12.49 -7.28
C ALA A 497 -21.13 11.47 -8.40
N CYS A 498 -20.96 11.89 -9.64
CA CYS A 498 -20.95 10.85 -10.66
C CYS A 498 -19.62 10.67 -11.34
N GLN A 499 -18.55 10.48 -10.59
CA GLN A 499 -17.23 10.36 -11.22
C GLN A 499 -16.98 8.92 -11.56
N ALA A 500 -16.25 8.70 -12.63
CA ALA A 500 -15.90 7.36 -13.02
C ALA A 500 -14.39 7.15 -12.89
N PHE A 501 -13.72 8.09 -12.19
CA PHE A 501 -12.27 8.10 -12.04
C PHE A 501 -11.85 9.26 -11.18
N PRO A 502 -10.75 9.11 -10.42
CA PRO A 502 -10.21 10.24 -9.68
C PRO A 502 -9.68 11.24 -10.69
N LEU A 503 -9.92 12.52 -10.44
CA LEU A 503 -9.55 13.52 -11.42
C LEU A 503 -8.06 13.54 -11.75
N ASP A 504 -7.23 12.86 -10.95
CA ASP A 504 -5.82 12.92 -11.22
C ASP A 504 -5.33 11.73 -12.02
N LEU A 505 -6.27 10.82 -12.33
CA LEU A 505 -5.96 9.62 -13.14
C LEU A 505 -4.97 9.83 -14.30
N CYS A 506 -5.15 10.89 -15.09
CA CYS A 506 -4.26 11.15 -16.24
C CYS A 506 -3.19 12.19 -15.99
N THR A 507 -2.54 12.06 -14.85
CA THR A 507 -1.58 13.04 -14.42
C THR A 507 -0.38 12.26 -13.95
N ASP A 508 0.73 12.97 -13.76
CA ASP A 508 1.85 12.31 -13.15
C ASP A 508 1.59 12.02 -11.67
N SER A 509 0.57 12.65 -11.11
CA SER A 509 0.37 12.61 -9.67
C SER A 509 -0.48 11.43 -9.25
N PHE A 510 -1.21 10.84 -10.18
CA PHE A 510 -1.96 9.67 -9.84
C PHE A 510 -1.07 8.60 -9.19
N PHE A 511 0.08 8.35 -9.81
CA PHE A 511 1.09 7.47 -9.26
C PHE A 511 1.83 8.07 -8.06
N THR A 512 2.29 9.33 -8.12
CA THR A 512 3.04 9.87 -6.96
C THR A 512 2.19 9.91 -5.69
N SER A 513 0.98 10.42 -5.80
CA SER A 513 0.03 10.38 -4.69
C SER A 513 -0.33 9.00 -4.19
N ARG A 514 0.04 7.93 -4.90
CA ARG A 514 -0.32 6.59 -4.46
C ARG A 514 0.82 5.63 -4.56
N ARG A 515 2.04 6.17 -4.55
CA ARG A 515 3.23 5.39 -4.79
C ARG A 515 3.30 4.11 -3.95
N PRO A 516 3.21 4.25 -2.62
CA PRO A 516 3.54 3.11 -1.80
C PRO A 516 2.58 1.97 -2.08
N ALA A 517 1.28 2.28 -2.13
CA ALA A 517 0.24 1.30 -2.41
C ALA A 517 0.45 0.67 -3.77
N LEU A 518 0.77 1.51 -4.76
CA LEU A 518 1.01 1.05 -6.14
C LEU A 518 2.21 0.10 -6.21
N GLU A 519 3.38 0.53 -5.71
CA GLU A 519 4.57 -0.34 -5.77
C GLU A 519 4.27 -1.71 -5.16
N ALA A 520 3.59 -1.69 -4.02
CA ALA A 520 3.18 -2.90 -3.35
C ALA A 520 2.35 -3.82 -4.26
N ARG A 521 1.32 -3.26 -4.90
CA ARG A 521 0.36 -4.04 -5.67
C ARG A 521 0.98 -4.54 -6.96
N LEU A 522 1.89 -3.75 -7.49
CA LEU A 522 2.47 -4.09 -8.76
C LEU A 522 3.49 -5.19 -8.56
N GLN A 523 3.99 -5.28 -7.33
CA GLN A 523 4.92 -6.31 -6.96
C GLN A 523 4.15 -7.60 -6.78
N LEU A 524 3.08 -7.55 -5.98
CA LEU A 524 2.26 -8.72 -5.72
C LEU A 524 1.88 -9.34 -7.04
N ILE A 525 1.47 -8.50 -7.99
CA ILE A 525 0.91 -8.99 -9.24
C ILE A 525 2.01 -9.72 -9.96
N HIS A 526 3.18 -9.09 -9.99
CA HIS A 526 4.38 -9.64 -10.65
C HIS A 526 4.72 -11.09 -10.21
N ASP A 527 4.61 -11.36 -8.90
CA ASP A 527 4.95 -12.63 -8.33
C ASP A 527 3.73 -13.53 -8.26
N ALA A 528 2.54 -12.97 -8.44
CA ALA A 528 1.33 -13.76 -8.20
C ALA A 528 1.34 -14.96 -9.13
N PRO A 529 0.96 -16.13 -8.61
CA PRO A 529 0.70 -17.26 -9.49
C PRO A 529 -0.69 -17.15 -10.09
N GLU A 530 -0.93 -17.91 -11.13
CA GLU A 530 -2.10 -17.72 -11.97
C GLU A 530 -3.43 -18.13 -11.33
N GLU A 531 -3.51 -18.16 -10.01
CA GLU A 531 -4.78 -18.44 -9.32
C GLU A 531 -5.14 -17.24 -8.48
N SER A 532 -4.11 -16.66 -7.87
CA SER A 532 -4.22 -15.37 -7.17
C SER A 532 -4.79 -14.31 -8.10
N LEU A 533 -4.25 -14.26 -9.32
CA LEU A 533 -4.79 -13.45 -10.39
C LEU A 533 -6.25 -13.89 -10.67
N ARG A 534 -6.48 -15.11 -11.13
CA ARG A 534 -7.85 -15.56 -11.36
C ARG A 534 -8.73 -15.16 -10.21
N ALA A 535 -8.17 -15.10 -9.01
CA ALA A 535 -8.97 -14.79 -7.82
C ALA A 535 -9.22 -13.29 -7.62
N TRP A 536 -8.15 -12.49 -7.63
CA TRP A 536 -8.29 -11.03 -7.55
C TRP A 536 -9.30 -10.45 -8.55
N VAL A 537 -9.24 -10.96 -9.78
CA VAL A 537 -10.18 -10.58 -10.81
C VAL A 537 -11.60 -11.01 -10.43
N ALA A 538 -11.75 -12.28 -10.07
CA ALA A 538 -13.05 -12.78 -9.64
C ALA A 538 -13.62 -11.84 -8.59
N ALA A 539 -12.72 -11.25 -7.81
CA ALA A 539 -13.13 -10.51 -6.63
C ALA A 539 -13.79 -9.20 -7.04
N THR A 540 -13.00 -8.30 -7.61
CA THR A 540 -13.50 -7.06 -8.22
C THR A 540 -14.72 -7.31 -9.11
N TRP A 541 -14.60 -8.24 -10.06
CA TRP A 541 -15.71 -8.55 -10.95
C TRP A 541 -17.00 -8.67 -10.14
N HIS A 542 -16.98 -9.55 -9.14
CA HIS A 542 -18.17 -9.82 -8.37
C HIS A 542 -18.64 -8.60 -7.63
N GLU A 543 -17.70 -7.86 -7.06
CA GLU A 543 -18.10 -6.72 -6.23
C GLU A 543 -18.48 -5.49 -7.05
N GLN A 544 -17.90 -5.33 -8.24
CA GLN A 544 -18.06 -4.09 -9.00
C GLN A 544 -18.86 -4.21 -10.30
N GLU A 545 -19.14 -5.42 -10.77
CA GLU A 545 -19.78 -5.62 -12.07
C GLU A 545 -20.86 -4.58 -12.31
N GLY A 546 -20.78 -3.92 -13.46
CA GLY A 546 -21.74 -2.90 -13.86
C GLY A 546 -21.31 -1.48 -13.60
N ARG A 547 -20.79 -1.24 -12.40
CA ARG A 547 -20.24 0.05 -11.98
C ARG A 547 -19.42 0.74 -13.07
N VAL A 548 -19.73 2.00 -13.32
CA VAL A 548 -19.13 2.77 -14.41
C VAL A 548 -17.73 3.34 -14.08
N ALA A 549 -16.68 2.70 -14.56
CA ALA A 549 -15.34 3.22 -14.42
C ALA A 549 -14.73 3.38 -15.79
N SER A 550 -14.10 4.53 -16.01
CA SER A 550 -13.57 4.88 -17.31
C SER A 550 -12.61 3.84 -17.88
N LEU A 551 -11.92 3.08 -17.03
CA LEU A 551 -10.93 2.14 -17.51
C LEU A 551 -11.57 0.81 -17.85
N VAL A 552 -12.72 0.53 -17.24
CA VAL A 552 -13.28 -0.80 -17.33
C VAL A 552 -14.46 -0.89 -18.28
N SER A 553 -14.36 -1.68 -19.34
CA SER A 553 -15.55 -2.02 -20.13
C SER A 553 -16.05 -3.41 -19.72
N TRP A 554 -17.20 -3.44 -19.06
CA TRP A 554 -17.78 -4.70 -18.61
C TRP A 554 -18.06 -5.75 -19.71
N ASP A 555 -18.56 -5.33 -20.87
CA ASP A 555 -18.78 -6.28 -21.96
C ASP A 555 -17.51 -6.55 -22.79
N ARG A 556 -16.37 -6.01 -22.35
CA ARG A 556 -15.11 -6.18 -23.08
C ARG A 556 -14.68 -7.61 -23.16
N PHE A 557 -14.81 -8.33 -22.05
CA PHE A 557 -14.65 -9.79 -22.05
C PHE A 557 -16.04 -10.41 -22.07
N THR A 558 -16.15 -11.61 -22.56
CA THR A 558 -17.49 -12.19 -22.78
C THR A 558 -18.14 -12.72 -21.51
N SER A 559 -17.30 -13.00 -20.51
CA SER A 559 -17.70 -13.48 -19.19
C SER A 559 -16.48 -13.31 -18.28
N LEU A 560 -16.71 -13.31 -16.97
CA LEU A 560 -15.58 -13.34 -16.00
C LEU A 560 -14.60 -14.47 -16.34
N GLN A 561 -15.14 -15.60 -16.77
CA GLN A 561 -14.33 -16.74 -17.06
C GLN A 561 -13.28 -16.42 -18.15
N GLN A 562 -13.68 -15.66 -19.17
CA GLN A 562 -12.71 -15.28 -20.22
C GLN A 562 -11.52 -14.47 -19.68
N ALA A 563 -11.83 -13.51 -18.82
CA ALA A 563 -10.84 -12.66 -18.23
C ALA A 563 -9.79 -13.49 -17.52
N GLN A 564 -10.30 -14.42 -16.69
CA GLN A 564 -9.44 -15.33 -15.94
C GLN A 564 -8.51 -16.14 -16.86
N ASP A 565 -9.08 -16.67 -17.96
CA ASP A 565 -8.28 -17.34 -19.00
C ASP A 565 -7.13 -16.48 -19.43
N LEU A 566 -7.44 -15.24 -19.80
CA LEU A 566 -6.46 -14.34 -20.38
C LEU A 566 -5.33 -13.97 -19.41
N VAL A 567 -5.71 -13.60 -18.19
CA VAL A 567 -4.70 -13.25 -17.20
C VAL A 567 -3.82 -14.45 -16.97
N SER A 568 -4.45 -15.62 -16.97
CA SER A 568 -3.71 -16.85 -16.76
C SER A 568 -2.62 -16.97 -17.81
N CYS A 569 -2.93 -16.58 -19.04
CA CYS A 569 -1.97 -16.75 -20.11
C CYS A 569 -0.94 -15.68 -20.05
N LEU A 570 -1.37 -14.47 -19.68
CA LEU A 570 -0.49 -13.31 -19.67
C LEU A 570 0.55 -13.39 -18.55
N GLY A 571 0.08 -13.77 -17.38
CA GLY A 571 0.96 -14.01 -16.27
C GLY A 571 1.59 -12.77 -15.68
N GLY A 572 1.57 -12.72 -14.35
CA GLY A 572 2.08 -11.62 -13.53
C GLY A 572 3.11 -10.63 -14.07
N PRO A 573 4.32 -11.09 -14.42
CA PRO A 573 5.36 -10.13 -14.79
C PRO A 573 4.92 -9.19 -15.89
N VAL A 574 4.20 -9.74 -16.87
CA VAL A 574 3.63 -9.03 -18.00
C VAL A 574 2.47 -8.15 -17.56
N LEU A 575 1.47 -8.74 -16.89
CA LEU A 575 0.37 -7.98 -16.32
C LEU A 575 0.84 -6.82 -15.45
N SER A 576 1.92 -7.03 -14.69
CA SER A 576 2.50 -6.01 -13.86
C SER A 576 3.07 -4.88 -14.71
N GLY A 577 3.86 -5.24 -15.71
CA GLY A 577 4.58 -4.23 -16.52
C GLY A 577 3.64 -3.27 -17.22
N VAL A 578 2.52 -3.81 -17.71
CA VAL A 578 1.54 -3.05 -18.45
C VAL A 578 0.88 -2.09 -17.46
N CYS A 579 0.42 -2.66 -16.34
CA CYS A 579 -0.22 -1.87 -15.31
C CYS A 579 0.68 -0.77 -14.81
N ARG A 580 1.99 -0.99 -14.83
CA ARG A 580 2.89 -0.01 -14.29
C ARG A 580 2.91 1.18 -15.21
N HIS A 581 3.01 0.93 -16.51
CA HIS A 581 2.96 2.02 -17.46
C HIS A 581 1.62 2.76 -17.35
N LEU A 582 0.50 2.03 -17.38
CA LEU A 582 -0.81 2.71 -17.36
C LEU A 582 -0.97 3.67 -16.18
N ALA A 583 -0.54 3.26 -15.00
CA ALA A 583 -0.75 4.09 -13.84
C ALA A 583 0.33 5.13 -13.78
N ALA A 584 1.55 4.75 -14.14
CA ALA A 584 2.63 5.72 -14.14
C ALA A 584 2.33 6.89 -15.06
N ASP A 585 1.67 6.62 -16.18
CA ASP A 585 1.54 7.62 -17.23
C ASP A 585 0.52 7.15 -18.30
N PHE A 586 -0.74 7.02 -17.88
CA PHE A 586 -1.84 6.75 -18.76
C PHE A 586 -1.96 7.80 -19.86
N ARG A 587 -1.80 9.06 -19.48
CA ARG A 587 -1.91 10.16 -20.42
C ARG A 587 -1.17 9.88 -21.72
N HIS A 588 0.11 9.54 -21.59
CA HIS A 588 0.98 9.28 -22.71
C HIS A 588 1.14 7.79 -23.10
N CYS A 589 0.55 6.88 -22.33
CA CYS A 589 0.62 5.44 -22.67
C CYS A 589 -0.68 4.80 -23.05
N ARG A 590 -1.79 5.51 -22.98
CA ARG A 590 -3.11 4.87 -23.13
C ARG A 590 -3.33 4.34 -24.55
N GLY A 591 -2.63 4.92 -25.51
CA GLY A 591 -2.79 4.54 -26.90
C GLY A 591 -1.60 3.86 -27.54
N GLY A 592 -1.89 3.06 -28.56
CA GLY A 592 -0.86 2.37 -29.35
C GLY A 592 -0.49 0.98 -28.88
N LEU A 593 -1.28 0.41 -27.98
CA LEU A 593 -1.22 -1.02 -27.71
C LEU A 593 -1.77 -1.69 -28.95
N PRO A 594 -1.37 -2.95 -29.20
CA PRO A 594 -1.84 -3.75 -30.36
C PRO A 594 -3.32 -4.09 -30.35
N ASP A 595 -3.90 -4.09 -31.57
CA ASP A 595 -5.33 -4.34 -31.83
C ASP A 595 -5.82 -5.64 -31.25
N LEU A 596 -4.96 -6.66 -31.31
CA LEU A 596 -5.35 -8.05 -31.08
C LEU A 596 -4.68 -8.78 -29.93
N VAL A 597 -5.48 -9.56 -29.21
CA VAL A 597 -4.92 -10.57 -28.33
C VAL A 597 -5.50 -11.92 -28.69
N VAL A 598 -4.59 -12.82 -29.07
CA VAL A 598 -4.91 -14.20 -29.44
C VAL A 598 -4.16 -15.21 -28.59
N TRP A 599 -4.91 -16.09 -27.95
CA TRP A 599 -4.30 -17.14 -27.17
C TRP A 599 -4.85 -18.54 -27.51
N ASN A 600 -4.01 -19.54 -27.27
CA ASN A 600 -4.42 -20.92 -27.31
C ASN A 600 -4.98 -21.37 -25.98
N SER A 601 -6.23 -21.79 -26.02
CA SER A 601 -6.96 -22.25 -24.86
C SER A 601 -6.11 -23.23 -24.06
N GLN A 602 -5.91 -24.43 -24.61
CA GLN A 602 -5.25 -25.52 -23.89
C GLN A 602 -3.77 -25.27 -23.65
N SER A 603 -3.09 -24.69 -24.63
CA SER A 603 -1.64 -24.55 -24.54
C SER A 603 -1.20 -23.32 -23.75
N ARG A 604 -2.16 -22.42 -23.48
CA ARG A 604 -1.94 -21.16 -22.75
C ARG A 604 -1.01 -20.16 -23.45
N HIS A 605 -0.58 -20.44 -24.68
CA HIS A 605 0.28 -19.50 -25.42
C HIS A 605 -0.52 -18.39 -26.04
N PHE A 606 0.01 -17.17 -25.94
CA PHE A 606 -0.70 -16.00 -26.45
C PHE A 606 0.19 -15.17 -27.37
N LYS A 607 -0.47 -14.37 -28.20
CA LYS A 607 0.24 -13.45 -29.06
C LYS A 607 -0.48 -12.12 -29.11
N LEU A 608 0.32 -11.05 -29.07
CA LEU A 608 -0.14 -9.67 -29.13
C LEU A 608 0.15 -9.11 -30.52
N VAL A 609 -0.93 -8.88 -31.27
CA VAL A 609 -0.85 -8.63 -32.72
C VAL A 609 -1.32 -7.22 -33.10
N GLU A 610 -0.46 -6.48 -33.79
CA GLU A 610 -0.81 -5.22 -34.40
C GLU A 610 -1.18 -5.41 -35.87
N VAL A 611 -2.47 -5.51 -36.16
CA VAL A 611 -2.99 -5.51 -37.55
C VAL A 611 -2.62 -4.20 -38.24
N LYS A 612 -2.03 -4.32 -39.42
CA LYS A 612 -1.70 -3.16 -40.25
C LYS A 612 -2.23 -3.35 -41.65
N GLY A 613 -3.45 -2.85 -41.89
CA GLY A 613 -4.11 -2.87 -43.21
C GLY A 613 -3.31 -2.20 -44.32
N PRO A 614 -3.89 -2.10 -45.54
CA PRO A 614 -3.06 -1.76 -46.69
C PRO A 614 -2.49 -0.35 -46.57
N ASN A 615 -3.16 0.47 -45.77
CA ASN A 615 -2.82 1.87 -45.70
C ASN A 615 -2.58 2.45 -44.33
N ASP A 616 -1.82 1.74 -43.49
CA ASP A 616 -1.32 2.38 -42.29
C ASP A 616 -0.08 1.71 -41.74
N ARG A 617 0.87 2.50 -41.25
CA ARG A 617 2.07 1.95 -40.65
C ARG A 617 2.05 2.07 -39.13
N LEU A 618 3.20 1.80 -38.54
CA LEU A 618 3.37 1.85 -37.13
C LEU A 618 3.61 3.29 -36.75
N SER A 619 2.85 3.79 -35.78
CA SER A 619 3.14 5.09 -35.18
C SER A 619 4.22 4.88 -34.15
N HIS A 620 4.92 5.95 -33.77
CA HIS A 620 5.88 5.86 -32.70
C HIS A 620 5.29 5.26 -31.42
N LYS A 621 4.17 5.80 -30.93
CA LYS A 621 3.47 5.22 -29.80
C LYS A 621 3.43 3.69 -29.86
N GLN A 622 3.13 3.18 -31.05
CA GLN A 622 2.94 1.74 -31.30
C GLN A 622 4.24 0.93 -31.21
N MET A 623 5.31 1.45 -31.80
CA MET A 623 6.61 0.81 -31.71
C MET A 623 7.25 0.87 -30.30
N ILE A 624 6.82 1.82 -29.47
CA ILE A 624 7.19 1.84 -28.06
C ILE A 624 6.50 0.71 -27.33
N TRP A 625 5.19 0.60 -27.56
CA TRP A 625 4.39 -0.45 -26.91
C TRP A 625 4.89 -1.87 -27.19
N LEU A 626 5.12 -2.15 -28.48
CA LEU A 626 5.60 -3.45 -28.94
C LEU A 626 6.96 -3.78 -28.36
N ALA A 627 7.86 -2.79 -28.36
CA ALA A 627 9.16 -2.94 -27.69
C ALA A 627 8.95 -3.30 -26.23
N GLU A 628 8.24 -2.43 -25.53
CA GLU A 628 8.01 -2.60 -24.13
C GLU A 628 7.30 -3.93 -23.79
N LEU A 629 6.49 -4.47 -24.71
CA LEU A 629 5.76 -5.71 -24.45
C LEU A 629 6.67 -6.90 -24.67
N GLN A 630 7.60 -6.74 -25.61
CA GLN A 630 8.65 -7.71 -25.80
C GLN A 630 9.54 -7.80 -24.55
N LYS A 631 10.12 -6.69 -24.09
CA LYS A 631 10.89 -6.64 -22.83
C LYS A 631 10.19 -7.33 -21.69
N LEU A 632 8.87 -7.24 -21.67
CA LEU A 632 8.09 -7.94 -20.67
C LEU A 632 8.03 -9.43 -21.05
N GLY A 633 8.66 -9.75 -22.18
CA GLY A 633 8.71 -11.10 -22.70
C GLY A 633 7.35 -11.55 -23.15
N ALA A 634 6.85 -10.96 -24.22
CA ALA A 634 5.56 -11.34 -24.72
C ALA A 634 5.71 -11.43 -26.20
N GLU A 635 5.04 -12.44 -26.76
CA GLU A 635 5.05 -12.73 -28.18
C GLU A 635 4.32 -11.63 -28.93
N VAL A 636 5.08 -10.75 -29.59
CA VAL A 636 4.44 -9.67 -30.35
C VAL A 636 4.72 -9.74 -31.84
N GLU A 637 3.70 -9.42 -32.59
CA GLU A 637 3.73 -9.63 -34.01
C GLU A 637 2.90 -8.57 -34.72
N VAL A 638 3.48 -7.98 -35.77
CA VAL A 638 2.72 -7.15 -36.71
C VAL A 638 2.18 -8.01 -37.82
N CYS A 639 0.90 -7.87 -38.12
CA CYS A 639 0.31 -8.68 -39.16
C CYS A 639 -0.23 -7.83 -40.33
N HIS A 640 0.63 -7.62 -41.34
CA HIS A 640 0.27 -6.87 -42.56
C HIS A 640 -0.78 -7.60 -43.41
N VAL A 641 -1.78 -6.87 -43.87
CA VAL A 641 -2.81 -7.42 -44.75
C VAL A 641 -2.78 -6.75 -46.14
N VAL A 642 -2.44 -7.56 -47.16
CA VAL A 642 -2.48 -7.14 -48.57
C VAL A 642 -3.79 -7.61 -49.23
N ALA A 643 -4.34 -6.74 -50.08
CA ALA A 643 -5.63 -7.00 -50.73
C ALA A 643 -5.47 -7.69 -52.08
N VAL A 644 -6.60 -8.17 -52.62
CA VAL A 644 -6.62 -8.83 -53.95
C VAL A 644 -7.76 -8.28 -54.82
N THR B 14 23.24 -34.23 3.21
CA THR B 14 22.18 -34.13 4.29
C THR B 14 21.78 -35.48 4.93
N GLY B 15 22.65 -36.50 4.78
CA GLY B 15 22.63 -37.70 5.62
C GLY B 15 23.11 -37.27 7.00
N HIS B 16 23.33 -35.97 7.11
CA HIS B 16 23.59 -35.24 8.34
C HIS B 16 22.34 -35.30 9.22
N PRO B 17 22.51 -35.75 10.47
CA PRO B 17 21.42 -35.73 11.44
C PRO B 17 21.03 -34.30 11.80
N TYR B 18 19.82 -34.16 12.32
CA TYR B 18 19.26 -32.87 12.62
C TYR B 18 20.19 -31.88 13.35
N TYR B 19 20.83 -32.34 14.41
CA TYR B 19 21.65 -31.48 15.26
C TYR B 19 22.91 -30.97 14.56
N LEU B 20 23.34 -31.64 13.51
CA LEU B 20 24.51 -31.18 12.79
C LEU B 20 24.01 -30.14 11.79
N ARG B 21 22.93 -30.48 11.09
CA ARG B 21 22.40 -29.56 10.10
C ARG B 21 22.21 -28.22 10.77
N SER B 22 21.55 -28.21 11.93
CA SER B 22 21.34 -26.98 12.63
C SER B 22 22.65 -26.25 12.93
N PHE B 23 23.64 -26.97 13.44
CA PHE B 23 24.90 -26.31 13.80
C PHE B 23 25.53 -25.63 12.60
N LEU B 24 25.47 -26.31 11.46
CA LEU B 24 26.07 -25.78 10.26
C LEU B 24 25.40 -24.47 9.79
N VAL B 25 24.05 -24.41 9.84
CA VAL B 25 23.31 -23.22 9.45
C VAL B 25 23.81 -22.03 10.26
N VAL B 26 23.98 -22.22 11.56
CA VAL B 26 24.53 -21.18 12.42
C VAL B 26 25.88 -20.72 11.92
N LEU B 27 26.77 -21.65 11.62
CA LEU B 27 28.11 -21.24 11.15
C LEU B 27 28.07 -20.45 9.84
N LYS B 28 27.30 -20.96 8.89
CA LYS B 28 27.19 -20.35 7.60
C LYS B 28 26.66 -18.93 7.80
N THR B 29 25.46 -18.84 8.40
CA THR B 29 24.79 -17.58 8.61
C THR B 29 25.72 -16.50 9.15
N VAL B 30 26.50 -16.82 10.17
CA VAL B 30 27.41 -15.82 10.74
C VAL B 30 28.67 -15.59 9.89
N LEU B 31 29.14 -16.65 9.24
CA LEU B 31 30.38 -16.52 8.48
C LEU B 31 30.22 -15.71 7.20
N GLU B 32 29.02 -15.67 6.64
CA GLU B 32 28.80 -14.82 5.48
C GLU B 32 28.55 -13.34 5.83
N ASN B 33 28.47 -13.01 7.11
CA ASN B 33 28.43 -11.62 7.54
C ASN B 33 29.80 -10.96 7.52
N GLU B 34 30.09 -10.16 6.50
CA GLU B 34 31.34 -9.43 6.47
C GLU B 34 31.57 -8.70 7.80
N ASP B 35 30.49 -8.13 8.36
CA ASP B 35 30.59 -7.32 9.58
C ASP B 35 30.91 -8.14 10.81
N ASP B 36 30.27 -9.29 10.94
CA ASP B 36 30.61 -10.24 12.00
C ASP B 36 32.05 -10.75 11.94
N MET B 37 32.53 -11.17 10.78
CA MET B 37 33.89 -11.73 10.68
C MET B 37 35.03 -10.75 11.00
N LEU B 38 34.73 -9.45 11.09
CA LEU B 38 35.70 -8.46 11.55
C LEU B 38 36.06 -8.63 13.03
N LEU B 39 35.28 -9.42 13.76
CA LEU B 39 35.43 -9.51 15.21
C LEU B 39 35.98 -10.88 15.65
N PHE B 40 36.74 -11.50 14.74
CA PHE B 40 37.49 -12.71 15.06
C PHE B 40 38.89 -12.59 14.48
N ASP B 41 39.91 -12.65 15.33
CA ASP B 41 41.27 -12.77 14.83
C ASP B 41 41.47 -14.07 13.98
N GLU B 42 42.66 -14.19 13.39
CA GLU B 42 43.01 -15.28 12.48
C GLU B 42 43.04 -16.61 13.18
N GLN B 43 43.71 -16.61 14.33
CA GLN B 43 43.80 -17.74 15.21
C GLN B 43 42.38 -18.33 15.34
N GLU B 44 41.46 -17.51 15.87
CA GLU B 44 40.04 -17.82 15.93
C GLU B 44 39.49 -18.30 14.60
N LYS B 45 39.67 -17.51 13.55
CA LYS B 45 39.14 -17.93 12.25
C LYS B 45 39.60 -19.33 11.78
N GLY B 46 40.84 -19.69 12.11
CA GLY B 46 41.41 -20.98 11.70
C GLY B 46 40.71 -22.19 12.30
N ILE B 47 40.39 -22.07 13.58
CA ILE B 47 39.61 -23.07 14.28
C ILE B 47 38.34 -23.43 13.51
N VAL B 48 37.69 -22.42 12.95
CA VAL B 48 36.51 -22.70 12.13
C VAL B 48 36.86 -23.57 10.93
N THR B 49 37.95 -23.23 10.25
CA THR B 49 38.41 -24.00 9.10
C THR B 49 38.69 -25.43 9.56
N LYS B 50 39.51 -25.55 10.60
CA LYS B 50 39.80 -26.80 11.23
C LYS B 50 38.52 -27.58 11.42
N PHE B 51 37.44 -26.92 11.87
CA PHE B 51 36.13 -27.60 12.00
C PHE B 51 35.68 -28.17 10.68
N TYR B 52 35.72 -27.34 9.66
CA TYR B 52 35.18 -27.70 8.36
C TYR B 52 36.00 -28.80 7.76
N GLN B 53 37.23 -28.91 8.25
CA GLN B 53 38.17 -29.92 7.85
C GLN B 53 37.91 -31.30 8.44
N LEU B 54 37.16 -31.37 9.52
CA LEU B 54 36.85 -32.64 10.14
C LEU B 54 36.03 -33.43 9.17
N SER B 55 36.02 -34.75 9.35
CA SER B 55 35.08 -35.63 8.63
C SER B 55 33.67 -35.41 9.18
N ALA B 56 32.66 -35.86 8.43
CA ALA B 56 31.26 -35.77 8.88
C ALA B 56 31.07 -36.36 10.29
N THR B 57 31.55 -37.58 10.51
CA THR B 57 31.58 -38.17 11.84
C THR B 57 32.15 -37.15 12.83
N GLY B 58 33.42 -36.79 12.63
CA GLY B 58 34.12 -35.87 13.53
C GLY B 58 33.30 -34.64 13.90
N GLN B 59 32.57 -34.10 12.92
CA GLN B 59 31.63 -33.02 13.18
C GLN B 59 30.46 -33.50 14.04
N LYS B 60 29.74 -34.53 13.60
CA LYS B 60 28.59 -35.01 14.37
C LYS B 60 28.97 -35.07 15.86
N LEU B 61 30.02 -35.84 16.16
CA LEU B 61 30.40 -36.05 17.54
C LEU B 61 30.77 -34.76 18.27
N TYR B 62 31.35 -33.78 17.56
CA TYR B 62 31.74 -32.52 18.24
C TYR B 62 30.50 -31.77 18.68
N VAL B 63 29.54 -31.65 17.76
CA VAL B 63 28.26 -31.03 18.06
C VAL B 63 27.63 -31.70 19.31
N ARG B 64 27.54 -33.04 19.31
CA ARG B 64 27.03 -33.75 20.49
C ARG B 64 27.66 -33.27 21.79
N LEU B 65 28.98 -33.23 21.81
CA LEU B 65 29.74 -32.83 23.00
C LEU B 65 29.76 -31.33 23.26
N PHE B 66 29.50 -30.54 22.23
CA PHE B 66 29.41 -29.11 22.41
C PHE B 66 28.10 -28.85 23.11
N GLN B 67 27.07 -29.56 22.66
CA GLN B 67 25.77 -29.48 23.27
C GLN B 67 25.82 -29.95 24.73
N ARG B 68 26.56 -31.02 25.04
CA ARG B 68 26.69 -31.51 26.44
C ARG B 68 27.31 -30.47 27.38
N LYS B 69 27.24 -30.74 28.68
CA LYS B 69 27.83 -29.86 29.70
C LYS B 69 29.32 -29.84 29.49
N LEU B 70 29.94 -28.75 29.89
CA LEU B 70 31.35 -28.64 29.71
C LEU B 70 32.04 -29.18 30.94
N SER B 71 32.79 -30.28 30.73
CA SER B 71 33.61 -30.96 31.75
C SER B 71 33.91 -32.37 31.25
N TRP B 72 34.38 -33.21 32.14
CA TRP B 72 34.99 -34.48 31.74
C TRP B 72 33.99 -35.61 31.61
N ILE B 73 34.14 -36.43 30.58
CA ILE B 73 33.20 -37.52 30.41
C ILE B 73 33.90 -38.86 30.31
N LYS B 74 33.48 -39.82 31.12
CA LYS B 74 34.01 -41.17 31.03
C LYS B 74 33.84 -41.71 29.62
N MET B 75 34.90 -42.31 29.11
CA MET B 75 34.88 -42.90 27.78
C MET B 75 33.77 -43.94 27.62
N THR B 76 33.35 -44.55 28.73
CA THR B 76 32.30 -45.57 28.70
C THR B 76 30.90 -44.93 28.76
N LYS B 77 30.86 -43.63 29.07
CA LYS B 77 29.62 -42.83 29.07
C LYS B 77 29.32 -42.13 27.73
N LEU B 78 30.04 -42.51 26.68
CA LEU B 78 29.90 -41.88 25.38
C LEU B 78 29.41 -42.85 24.34
N GLU B 79 28.12 -42.79 24.04
CA GLU B 79 27.54 -43.67 23.04
C GLU B 79 26.70 -42.93 22.01
N TYR B 80 27.10 -43.03 20.74
CA TYR B 80 26.27 -42.58 19.62
C TYR B 80 26.47 -43.53 18.45
N GLU B 81 25.60 -44.53 18.37
CA GLU B 81 25.67 -45.49 17.28
C GLU B 81 25.61 -44.81 15.90
N GLU B 82 24.79 -43.77 15.78
CA GLU B 82 24.53 -43.11 14.49
C GLU B 82 25.75 -42.33 14.03
N ILE B 83 26.69 -42.13 14.93
CA ILE B 83 27.96 -41.54 14.58
C ILE B 83 28.91 -42.64 14.11
N ALA B 84 29.11 -43.64 14.97
CA ALA B 84 29.94 -44.80 14.68
C ALA B 84 29.82 -45.77 15.84
N LEU B 85 30.02 -47.05 15.55
CA LEU B 85 30.02 -48.08 16.58
C LEU B 85 31.22 -47.98 17.52
N ASP B 86 32.38 -47.63 16.95
CA ASP B 86 33.57 -47.37 17.74
C ASP B 86 34.09 -45.93 17.53
N LEU B 87 34.06 -45.14 18.61
CA LEU B 87 34.32 -43.69 18.51
C LEU B 87 35.78 -43.28 18.72
N THR B 88 36.65 -44.27 18.94
CA THR B 88 38.04 -43.98 19.30
C THR B 88 38.76 -43.29 18.14
N PRO B 89 38.56 -43.77 16.90
CA PRO B 89 39.12 -43.05 15.77
C PRO B 89 38.71 -41.57 15.82
N VAL B 90 37.39 -41.36 15.91
CA VAL B 90 36.75 -40.04 15.88
C VAL B 90 37.30 -39.14 16.97
N ILE B 91 37.43 -39.70 18.17
CA ILE B 91 38.00 -38.95 19.27
C ILE B 91 39.43 -38.56 18.95
N GLU B 92 40.19 -39.51 18.42
CA GLU B 92 41.54 -39.22 18.02
C GLU B 92 41.57 -38.02 17.08
N GLU B 93 40.73 -38.03 16.03
CA GLU B 93 40.67 -36.91 15.08
C GLU B 93 40.50 -35.61 15.83
N LEU B 94 39.49 -35.54 16.69
CA LEU B 94 39.17 -34.35 17.46
C LEU B 94 40.31 -33.93 18.41
N THR B 95 41.06 -34.91 18.88
CA THR B 95 42.19 -34.64 19.75
C THR B 95 43.30 -34.00 18.94
N ASN B 96 43.63 -34.63 17.82
CA ASN B 96 44.65 -34.15 16.91
C ASN B 96 44.31 -32.76 16.41
N ALA B 97 43.07 -32.59 15.96
CA ALA B 97 42.54 -31.29 15.52
C ALA B 97 42.60 -30.18 16.58
N GLY B 98 42.55 -30.57 17.86
CA GLY B 98 42.71 -29.63 18.98
C GLY B 98 41.39 -29.26 19.60
N PHE B 99 40.37 -30.06 19.30
CA PHE B 99 39.00 -29.80 19.74
C PHE B 99 38.62 -30.47 21.07
N LEU B 100 39.37 -31.53 21.40
CA LEU B 100 39.06 -32.44 22.47
C LEU B 100 40.36 -32.82 23.18
N GLN B 101 40.35 -32.85 24.51
CA GLN B 101 41.52 -33.30 25.26
C GLN B 101 41.23 -34.60 26.01
N THR B 102 42.30 -35.32 26.32
CA THR B 102 42.23 -36.65 26.92
C THR B 102 42.72 -36.66 28.37
N GLU B 103 42.32 -37.70 29.10
CA GLU B 103 42.70 -37.92 30.49
C GLU B 103 44.17 -37.52 30.77
N SER B 104 45.05 -37.73 29.78
CA SER B 104 46.47 -37.35 29.79
C SER B 104 46.75 -35.89 30.14
N GLU B 105 45.87 -35.00 29.72
CA GLU B 105 46.03 -33.60 30.08
C GLU B 105 45.18 -33.26 31.30
N LEU B 106 44.51 -34.27 31.84
CA LEU B 106 43.77 -34.11 33.08
C LEU B 106 44.74 -33.97 34.25
N GLN B 107 44.83 -32.77 34.81
CA GLN B 107 45.89 -32.49 35.77
C GLN B 107 45.42 -31.87 37.06
N GLU B 108 44.29 -31.17 37.02
CA GLU B 108 43.75 -30.53 38.21
C GLU B 108 42.96 -31.51 39.06
N LEU B 109 43.24 -31.51 40.36
CA LEU B 109 42.63 -32.48 41.26
C LEU B 109 41.12 -32.30 41.28
N SER B 110 40.67 -31.08 41.61
CA SER B 110 39.26 -30.80 41.71
C SER B 110 38.51 -31.27 40.46
N GLU B 111 39.24 -31.28 39.34
CA GLU B 111 38.72 -31.85 38.10
C GLU B 111 38.59 -33.39 38.17
N VAL B 112 39.62 -34.05 38.68
CA VAL B 112 39.62 -35.53 38.75
C VAL B 112 38.50 -36.00 39.63
N LEU B 113 38.34 -35.30 40.75
CA LEU B 113 37.36 -35.66 41.76
C LEU B 113 35.96 -35.52 41.20
N GLU B 114 35.66 -34.33 40.70
CA GLU B 114 34.40 -34.04 40.06
C GLU B 114 33.91 -35.15 39.13
N LEU B 115 34.86 -35.72 38.39
CA LEU B 115 34.56 -36.67 37.35
C LEU B 115 34.13 -38.01 37.93
N LEU B 116 34.51 -38.23 39.19
CA LEU B 116 34.27 -39.51 39.87
C LEU B 116 32.93 -39.53 40.58
N SER B 117 32.34 -40.72 40.64
CA SER B 117 31.06 -40.92 41.33
C SER B 117 31.24 -41.02 42.85
N ALA B 118 30.22 -40.62 43.59
CA ALA B 118 30.18 -40.80 45.05
C ALA B 118 30.52 -42.24 45.50
N PRO B 119 30.01 -43.29 44.79
CA PRO B 119 30.50 -44.67 44.92
C PRO B 119 32.00 -44.79 44.84
N GLU B 120 32.58 -44.27 43.77
CA GLU B 120 34.04 -44.26 43.60
C GLU B 120 34.72 -43.40 44.67
N LEU B 121 34.12 -42.25 44.98
CA LEU B 121 34.63 -41.35 46.02
C LEU B 121 34.77 -42.03 47.37
N LYS B 122 33.85 -42.95 47.64
CA LYS B 122 33.94 -43.81 48.82
C LYS B 122 35.15 -44.74 48.72
N SER B 123 35.31 -45.44 47.60
CA SER B 123 36.42 -46.38 47.36
C SER B 123 37.81 -45.77 47.54
N LEU B 124 37.91 -44.45 47.39
CA LEU B 124 39.16 -43.73 47.57
C LEU B 124 39.24 -43.06 48.95
N ALA B 125 38.08 -42.74 49.51
CA ALA B 125 38.01 -42.26 50.89
C ALA B 125 38.46 -43.36 51.88
N LYS B 126 38.30 -44.61 51.46
CA LYS B 126 38.72 -45.78 52.25
C LYS B 126 40.19 -46.11 52.03
N THR B 127 40.55 -46.53 50.81
CA THR B 127 41.96 -46.88 50.50
C THR B 127 42.91 -45.68 50.67
N PHE B 128 42.43 -44.66 51.39
CA PHE B 128 43.27 -43.63 52.00
C PHE B 128 42.90 -43.52 53.47
N HIS B 129 43.84 -43.93 54.31
CA HIS B 129 43.65 -44.13 55.75
C HIS B 129 43.20 -42.88 56.51
N LEU B 130 43.65 -41.71 56.03
CA LEU B 130 43.38 -40.43 56.67
C LEU B 130 41.98 -39.89 56.35
N ALA B 131 41.25 -40.60 55.49
CA ALA B 131 39.96 -40.12 55.03
C ALA B 131 38.79 -40.82 55.75
N ASN B 132 37.87 -39.98 56.24
CA ASN B 132 36.56 -40.40 56.75
C ASN B 132 35.67 -40.87 55.58
N PRO B 133 35.59 -42.20 55.36
CA PRO B 133 34.96 -42.76 54.13
C PRO B 133 33.47 -42.46 53.90
N ASN B 134 32.86 -41.67 54.79
CA ASN B 134 31.45 -41.32 54.68
C ASN B 134 31.13 -39.81 54.81
N GLY B 135 30.00 -39.42 54.22
CA GLY B 135 29.60 -38.03 54.01
C GLY B 135 29.06 -37.91 52.60
N GLN B 136 28.70 -36.69 52.19
CA GLN B 136 28.25 -36.44 50.81
C GLN B 136 29.41 -36.44 49.83
N LYS B 137 29.13 -36.37 48.52
CA LYS B 137 30.16 -36.23 47.49
C LYS B 137 30.87 -34.87 47.64
N GLN B 138 30.08 -33.82 47.85
CA GLN B 138 30.60 -32.47 48.05
C GLN B 138 31.67 -32.43 49.14
N GLN B 139 31.40 -33.11 50.26
CA GLN B 139 32.30 -33.14 51.42
C GLN B 139 33.64 -33.80 51.09
N LEU B 140 33.61 -35.09 50.73
CA LEU B 140 34.81 -35.88 50.39
C LEU B 140 35.77 -35.14 49.48
N VAL B 141 35.22 -34.24 48.65
CA VAL B 141 36.00 -33.39 47.74
C VAL B 141 36.70 -32.27 48.52
N ASP B 142 35.93 -31.45 49.24
CA ASP B 142 36.50 -30.44 50.11
C ASP B 142 37.55 -31.05 51.04
N ALA B 143 37.34 -32.32 51.38
CA ALA B 143 38.28 -33.12 52.18
C ALA B 143 39.59 -33.38 51.42
N PHE B 144 39.53 -34.22 50.39
CA PHE B 144 40.70 -34.59 49.59
C PHE B 144 41.50 -33.41 49.04
N LEU B 145 40.90 -32.21 49.05
CA LEU B 145 41.53 -30.97 48.57
C LEU B 145 42.24 -30.19 49.65
N LYS B 146 41.70 -30.23 50.86
CA LYS B 146 42.40 -29.70 52.03
C LYS B 146 43.67 -30.52 52.31
N LEU B 147 43.55 -31.84 52.22
CA LEU B 147 44.65 -32.79 52.48
C LEU B 147 45.85 -32.64 51.54
N ALA B 148 45.58 -32.52 50.25
CA ALA B 148 46.61 -32.37 49.23
C ALA B 148 47.26 -30.98 49.26
N LYS B 149 46.56 -30.03 49.90
CA LYS B 149 47.02 -28.63 49.99
C LYS B 149 48.09 -28.39 51.06
N GLN B 150 48.07 -29.20 52.12
CA GLN B 150 49.10 -29.15 53.16
C GLN B 150 50.26 -30.11 52.83
N ARG B 151 49.97 -31.42 52.84
CA ARG B 151 50.96 -32.44 52.50
C ARG B 151 50.89 -32.72 51.01
N SER B 152 51.55 -31.87 50.24
CA SER B 152 51.46 -31.86 48.78
C SER B 152 51.87 -33.17 48.13
N VAL B 153 52.92 -33.79 48.66
CA VAL B 153 53.53 -34.97 48.05
C VAL B 153 52.58 -36.18 48.05
N ILE B 154 51.66 -36.21 49.01
CA ILE B 154 50.62 -37.27 49.07
C ILE B 154 49.47 -36.93 48.10
N GLY B 155 49.26 -35.63 47.87
CA GLY B 155 48.26 -35.13 46.93
C GLY B 155 48.46 -35.62 45.52
N ALA B 156 49.73 -35.74 45.11
CA ALA B 156 50.09 -36.22 43.78
C ALA B 156 49.86 -37.72 43.62
N VAL B 157 49.80 -38.42 44.76
CA VAL B 157 49.52 -39.86 44.79
C VAL B 157 48.00 -40.13 44.71
N ILE B 158 47.21 -39.25 45.33
CA ILE B 158 45.74 -39.25 45.25
C ILE B 158 45.32 -39.11 43.79
N LEU B 159 45.67 -37.96 43.22
CA LEU B 159 45.54 -37.65 41.80
C LEU B 159 45.94 -38.83 40.91
N LYS B 160 47.08 -39.44 41.20
CA LYS B 160 47.58 -40.61 40.47
C LYS B 160 46.56 -41.75 40.40
N ARG B 161 45.93 -42.05 41.54
CA ARG B 161 44.92 -43.09 41.60
C ARG B 161 43.57 -42.57 41.10
N ALA B 162 43.12 -41.43 41.66
CA ALA B 162 41.90 -40.77 41.22
C ALA B 162 41.77 -40.85 39.71
N LYS B 163 42.86 -40.50 39.02
CA LYS B 163 42.98 -40.68 37.58
C LYS B 163 42.79 -42.13 37.18
N ALA B 164 43.68 -43.00 37.65
CA ALA B 164 43.65 -44.41 37.30
C ALA B 164 42.28 -45.03 37.57
N LEU B 165 41.60 -44.51 38.59
CA LEU B 165 40.30 -45.00 39.03
C LEU B 165 39.14 -44.50 38.16
N ALA B 166 39.20 -43.21 37.78
CA ALA B 166 38.21 -42.57 36.90
C ALA B 166 38.19 -43.17 35.48
N GLY B 167 39.36 -43.54 34.97
CA GLY B 167 39.45 -44.24 33.69
C GLY B 167 39.81 -43.34 32.53
N GLN B 168 39.33 -43.71 31.36
CA GLN B 168 39.54 -42.90 30.17
C GLN B 168 38.53 -41.76 30.12
N SER B 169 39.01 -40.53 29.90
CA SER B 169 38.15 -39.34 29.95
C SER B 169 38.52 -38.20 29.01
N VAL B 170 37.50 -37.70 28.28
CA VAL B 170 37.63 -36.56 27.35
C VAL B 170 36.99 -35.30 27.92
N ARG B 171 37.47 -34.15 27.44
CA ARG B 171 36.83 -32.86 27.69
C ARG B 171 36.94 -31.97 26.45
N ILE B 172 35.89 -31.22 26.20
CA ILE B 172 35.89 -30.23 25.13
C ILE B 172 36.93 -29.15 25.48
N CYS B 173 37.82 -28.86 24.53
CA CYS B 173 38.83 -27.84 24.75
C CYS B 173 38.12 -26.53 24.82
N LYS B 174 38.33 -25.85 25.95
CA LYS B 174 37.67 -24.61 26.24
C LYS B 174 37.92 -23.47 25.22
N GLY B 175 39.03 -23.56 24.47
CA GLY B 175 39.47 -22.47 23.60
C GLY B 175 38.75 -22.40 22.27
N PRO B 176 38.80 -23.50 21.53
CA PRO B 176 37.97 -23.61 20.34
C PRO B 176 36.49 -23.54 20.69
N ARG B 177 36.09 -24.14 21.80
CA ARG B 177 34.71 -24.01 22.28
C ARG B 177 34.27 -22.55 22.29
N ALA B 178 35.07 -21.70 22.94
CA ALA B 178 34.79 -20.27 23.06
C ALA B 178 34.46 -19.61 21.73
N VAL B 179 35.19 -19.96 20.68
CA VAL B 179 34.94 -19.36 19.36
C VAL B 179 33.53 -19.67 18.91
N PHE B 180 33.13 -20.93 19.01
CA PHE B 180 31.80 -21.29 18.57
C PHE B 180 30.71 -20.62 19.38
N SER B 181 30.97 -20.39 20.66
CA SER B 181 29.97 -19.73 21.49
C SER B 181 29.80 -18.33 20.97
N ARG B 182 30.89 -17.64 20.69
CA ARG B 182 30.76 -16.29 20.26
C ARG B 182 30.03 -16.25 18.93
N ILE B 183 30.20 -17.29 18.14
CA ILE B 183 29.51 -17.37 16.85
C ILE B 183 28.04 -17.52 17.14
N LEU B 184 27.73 -18.45 18.02
CA LEU B 184 26.38 -18.68 18.46
C LEU B 184 25.73 -17.46 19.04
N LEU B 185 26.51 -16.66 19.74
CA LEU B 185 26.00 -15.46 20.37
C LEU B 185 25.53 -14.55 19.27
N LEU B 186 26.32 -14.48 18.20
CA LEU B 186 26.03 -13.51 17.18
C LEU B 186 24.84 -13.99 16.41
N PHE B 187 24.81 -15.29 16.16
CA PHE B 187 23.70 -15.88 15.43
C PHE B 187 22.42 -15.51 16.11
N SER B 188 22.51 -15.39 17.43
CA SER B 188 21.33 -15.20 18.25
C SER B 188 20.85 -13.76 18.34
N LEU B 189 21.59 -12.79 17.87
CA LEU B 189 21.05 -11.44 17.96
C LEU B 189 19.98 -11.30 16.90
N THR B 190 20.30 -11.83 15.73
CA THR B 190 19.45 -11.73 14.55
C THR B 190 18.27 -12.65 14.67
N ASP B 191 18.41 -13.67 15.49
CA ASP B 191 17.25 -14.40 15.91
C ASP B 191 16.81 -13.88 17.31
N SER B 192 16.55 -12.57 17.36
CA SER B 192 16.14 -11.80 18.57
C SER B 192 17.10 -11.96 19.73
N MET B 193 17.39 -13.22 19.98
CA MET B 193 17.99 -13.72 21.18
C MET B 193 17.36 -15.09 21.10
N GLU B 194 17.97 -15.99 20.32
CA GLU B 194 17.56 -17.41 20.22
C GLU B 194 17.26 -17.98 21.62
N ASP B 195 17.71 -17.22 22.62
CA ASP B 195 17.52 -17.48 24.05
C ASP B 195 18.68 -16.74 24.73
N GLU B 196 18.39 -16.08 25.85
CA GLU B 196 19.48 -15.59 26.70
C GLU B 196 20.06 -16.79 27.46
N ASP B 197 19.22 -17.78 27.73
CA ASP B 197 19.62 -18.97 28.49
C ASP B 197 20.47 -19.93 27.65
N ALA B 198 20.12 -20.10 26.38
CA ALA B 198 20.87 -20.96 25.48
C ALA B 198 22.21 -20.33 25.15
N ALA B 199 22.19 -19.10 24.67
CA ALA B 199 23.37 -18.42 24.15
C ALA B 199 24.20 -17.72 25.23
N CYS B 200 23.53 -16.95 26.08
CA CYS B 200 24.19 -15.98 26.93
C CYS B 200 24.82 -16.56 28.21
N GLY B 201 24.27 -17.66 28.71
CA GLY B 201 24.64 -18.20 30.03
C GLY B 201 25.04 -19.65 30.12
N GLY B 202 25.66 -20.00 31.25
CA GLY B 202 26.35 -21.29 31.45
C GLY B 202 27.50 -21.24 30.49
N GLN B 203 27.27 -21.82 29.31
CA GLN B 203 27.80 -21.27 28.06
C GLN B 203 27.09 -21.82 26.83
N GLY B 204 27.16 -21.01 25.77
CA GLY B 204 26.40 -21.21 24.54
C GLY B 204 26.23 -22.64 24.13
N GLN B 205 24.97 -23.09 24.15
CA GLN B 205 24.53 -24.23 23.36
C GLN B 205 23.31 -23.73 22.62
N LEU B 206 22.90 -24.48 21.60
CA LEU B 206 21.67 -24.16 20.89
C LEU B 206 20.48 -24.44 21.79
N SER B 207 19.50 -23.54 21.80
CA SER B 207 18.20 -23.82 22.43
C SER B 207 17.63 -25.12 21.87
N THR B 208 16.71 -25.74 22.63
CA THR B 208 16.01 -26.96 22.20
C THR B 208 15.38 -26.78 20.80
N VAL B 209 14.52 -25.77 20.66
CA VAL B 209 13.74 -25.58 19.44
C VAL B 209 14.61 -25.28 18.22
N LEU B 210 15.72 -24.59 18.44
CA LEU B 210 16.61 -24.23 17.36
C LEU B 210 17.35 -25.44 16.88
N LEU B 211 18.07 -26.09 17.79
CA LEU B 211 18.75 -27.32 17.49
C LEU B 211 17.87 -28.25 16.66
N VAL B 212 16.66 -28.51 17.13
CA VAL B 212 15.79 -29.40 16.41
C VAL B 212 15.47 -28.90 15.01
N ASN B 213 15.00 -27.65 14.91
CA ASN B 213 14.33 -27.22 13.68
C ASN B 213 15.15 -26.50 12.61
N LEU B 214 16.21 -25.81 13.00
CA LEU B 214 16.88 -24.85 12.09
C LEU B 214 17.19 -25.46 10.76
N GLY B 215 17.73 -26.67 10.77
CA GLY B 215 18.03 -27.38 9.52
C GLY B 215 16.88 -27.52 8.54
N ARG B 216 15.64 -27.55 9.05
CA ARG B 216 14.45 -27.70 8.19
C ARG B 216 13.80 -26.37 7.82
N MET B 217 13.71 -25.47 8.80
CA MET B 217 13.12 -24.13 8.68
C MET B 217 13.37 -23.43 7.35
N GLU B 218 12.35 -22.74 6.85
CA GLU B 218 12.46 -21.95 5.64
C GLU B 218 12.04 -20.52 5.98
N PHE B 219 12.89 -19.55 5.67
CA PHE B 219 12.65 -18.18 6.13
C PHE B 219 11.97 -17.25 5.09
N PRO B 220 11.22 -16.24 5.55
CA PRO B 220 10.65 -15.28 4.63
C PRO B 220 11.76 -14.59 3.83
N SER B 221 11.52 -14.28 2.56
CA SER B 221 12.55 -13.57 1.78
C SER B 221 12.58 -12.07 2.02
N TYR B 222 13.79 -11.54 2.03
CA TYR B 222 14.04 -10.14 2.32
C TYR B 222 15.44 -9.86 1.86
N THR B 223 15.83 -8.59 1.87
CA THR B 223 17.15 -8.23 1.39
C THR B 223 18.00 -7.78 2.55
N ILE B 224 19.11 -8.47 2.73
CA ILE B 224 20.06 -8.07 3.72
C ILE B 224 20.58 -6.69 3.35
N ASN B 225 20.63 -5.78 4.31
CA ASN B 225 21.11 -4.44 4.06
C ASN B 225 21.64 -3.78 5.33
N ARG B 226 22.92 -3.95 5.59
CA ARG B 226 23.49 -3.54 6.84
C ARG B 226 24.33 -2.33 6.54
N LYS B 227 24.11 -1.24 7.26
CA LYS B 227 24.85 -0.04 6.99
C LYS B 227 25.50 0.58 8.24
N THR B 228 25.35 -0.04 9.42
CA THR B 228 26.03 0.39 10.63
C THR B 228 26.59 -0.82 11.36
N HIS B 229 27.80 -0.66 11.92
CA HIS B 229 28.41 -1.64 12.85
C HIS B 229 27.73 -1.59 14.21
N ILE B 230 27.54 -2.75 14.83
CA ILE B 230 27.04 -2.81 16.21
C ILE B 230 28.20 -2.81 17.21
N PHE B 231 29.21 -3.63 16.92
CA PHE B 231 30.42 -3.69 17.75
C PHE B 231 31.61 -2.94 17.15
N GLN B 232 32.28 -2.12 17.98
CA GLN B 232 33.46 -1.37 17.57
C GLN B 232 34.58 -2.30 17.12
N ASP B 233 34.73 -3.42 17.80
CA ASP B 233 35.79 -4.37 17.50
C ASP B 233 35.55 -5.64 18.30
N ARG B 234 36.40 -6.63 18.07
CA ARG B 234 36.35 -7.88 18.83
C ARG B 234 36.36 -7.69 20.36
N ASP B 235 36.74 -6.51 20.83
CA ASP B 235 36.76 -6.28 22.27
C ASP B 235 35.37 -5.97 22.77
N ASP B 236 34.71 -5.05 22.07
CA ASP B 236 33.34 -4.66 22.33
C ASP B 236 32.45 -5.89 22.36
N LEU B 237 32.69 -6.84 21.44
CA LEU B 237 31.95 -8.09 21.45
C LEU B 237 32.25 -8.87 22.71
N ILE B 238 33.51 -8.91 23.11
CA ILE B 238 33.86 -9.65 24.34
C ILE B 238 33.26 -9.00 25.62
N ARG B 239 33.32 -7.67 25.73
CA ARG B 239 32.66 -6.97 26.82
C ARG B 239 31.14 -7.29 26.88
N TYR B 240 30.47 -7.22 25.72
CA TYR B 240 29.06 -7.54 25.60
C TYR B 240 28.82 -8.96 26.04
N ALA B 241 29.62 -9.89 25.52
CA ALA B 241 29.44 -11.29 25.83
C ALA B 241 29.50 -11.52 27.33
N ALA B 242 30.31 -10.70 27.98
CA ALA B 242 30.54 -10.85 29.40
C ALA B 242 29.35 -10.35 30.18
N ALA B 243 28.72 -9.27 29.71
CA ALA B 243 27.54 -8.70 30.36
C ALA B 243 26.36 -9.69 30.21
N THR B 244 26.08 -10.02 28.96
CA THR B 244 25.27 -11.16 28.61
C THR B 244 25.37 -12.30 29.64
N HIS B 245 26.57 -12.82 29.87
CA HIS B 245 26.74 -14.00 30.70
C HIS B 245 26.39 -13.70 32.17
N MET B 246 26.62 -12.47 32.57
CA MET B 246 26.38 -12.06 33.92
C MET B 246 24.89 -12.04 34.18
N LEU B 247 24.15 -11.33 33.32
CA LEU B 247 22.70 -11.23 33.37
C LEU B 247 22.05 -12.61 33.37
N SER B 248 22.60 -13.53 32.60
CA SER B 248 22.09 -14.87 32.57
C SER B 248 22.21 -15.52 33.94
N ASP B 249 23.41 -15.48 34.52
CA ASP B 249 23.66 -16.07 35.82
C ASP B 249 22.78 -15.47 36.91
N ILE B 250 22.56 -14.17 36.84
CA ILE B 250 21.69 -13.51 37.80
C ILE B 250 20.27 -14.00 37.62
N SER B 251 19.77 -13.98 36.39
CA SER B 251 18.46 -14.53 36.08
C SER B 251 18.34 -15.97 36.56
N SER B 252 19.37 -16.75 36.29
CA SER B 252 19.46 -18.10 36.81
C SER B 252 19.37 -18.22 38.35
N ALA B 253 20.07 -17.35 39.08
CA ALA B 253 20.01 -17.38 40.54
C ALA B 253 18.57 -17.15 40.99
N MET B 254 18.01 -16.00 40.60
CA MET B 254 16.62 -15.69 40.89
C MET B 254 15.72 -16.91 40.67
N ALA B 255 15.90 -17.57 39.52
CA ALA B 255 15.09 -18.74 39.21
C ALA B 255 15.21 -19.87 40.24
N ASN B 256 16.40 -20.06 40.80
CA ASN B 256 16.62 -21.07 41.84
C ASN B 256 16.45 -20.51 43.26
N GLY B 257 15.85 -19.32 43.36
CA GLY B 257 15.49 -18.73 44.66
C GLY B 257 16.64 -18.31 45.57
N ASN B 258 17.86 -18.33 45.04
CA ASN B 258 19.04 -17.97 45.83
C ASN B 258 19.26 -16.47 45.80
N TRP B 259 18.25 -15.74 46.25
CA TRP B 259 18.18 -14.29 46.21
C TRP B 259 19.36 -13.59 46.82
N GLU B 260 20.06 -14.30 47.71
CA GLU B 260 21.24 -13.72 48.33
C GLU B 260 22.41 -13.66 47.35
N GLU B 261 22.60 -14.76 46.62
CA GLU B 261 23.65 -14.84 45.61
C GLU B 261 23.40 -13.80 44.55
N ALA B 262 22.15 -13.74 44.10
CA ALA B 262 21.71 -12.81 43.09
C ALA B 262 21.98 -11.36 43.47
N LYS B 263 21.76 -11.01 44.74
CA LYS B 263 22.03 -9.64 45.18
C LYS B 263 23.51 -9.29 45.06
N GLU B 264 24.39 -10.22 45.41
CA GLU B 264 25.82 -10.03 45.27
C GLU B 264 26.11 -9.84 43.80
N LEU B 265 25.95 -10.92 43.04
CA LEU B 265 26.14 -10.92 41.60
C LEU B 265 25.70 -9.62 40.94
N ALA B 266 24.51 -9.15 41.30
CA ALA B 266 24.00 -7.88 40.83
C ALA B 266 24.88 -6.69 41.21
N GLN B 267 25.12 -6.49 42.50
CA GLN B 267 26.01 -5.42 42.98
C GLN B 267 27.37 -5.52 42.31
N CYS B 268 27.86 -6.74 42.21
CA CYS B 268 29.10 -7.00 41.51
C CYS B 268 29.06 -6.30 40.15
N ALA B 269 28.02 -6.62 39.39
CA ALA B 269 27.82 -6.10 38.05
C ALA B 269 27.58 -4.61 38.08
N LYS B 270 26.94 -4.11 39.14
CA LYS B 270 26.68 -2.69 39.21
C LYS B 270 27.97 -1.88 39.35
N ARG B 271 29.02 -2.53 39.89
CA ARG B 271 30.35 -1.94 39.96
C ARG B 271 30.87 -1.83 38.55
N ASP B 272 31.20 -2.99 37.99
CA ASP B 272 31.71 -3.14 36.62
C ASP B 272 31.07 -2.17 35.60
N TRP B 273 29.76 -1.95 35.71
CA TRP B 273 29.09 -1.02 34.82
C TRP B 273 29.53 0.43 35.03
N ASN B 274 29.62 0.87 36.29
CA ASN B 274 30.18 2.20 36.61
C ASN B 274 31.66 2.31 36.29
N ARG B 275 32.33 1.16 36.20
CA ARG B 275 33.68 1.11 35.67
C ARG B 275 33.72 1.48 34.18
N LEU B 276 32.78 0.96 33.40
CA LEU B 276 32.82 1.18 31.96
C LEU B 276 32.31 2.56 31.57
N LYS B 277 31.73 3.28 32.52
CA LYS B 277 30.93 4.47 32.24
C LYS B 277 31.59 5.68 31.56
N ASN B 278 32.78 5.51 31.00
CA ASN B 278 33.47 6.61 30.30
C ASN B 278 34.20 6.17 29.02
N HIS B 279 34.51 4.88 28.97
CA HIS B 279 35.10 4.21 27.82
C HIS B 279 34.63 4.74 26.46
N PRO B 280 35.55 4.84 25.48
CA PRO B 280 35.25 5.35 24.14
C PRO B 280 34.01 4.74 23.51
N SER B 281 33.91 3.40 23.57
CA SER B 281 32.90 2.66 22.79
C SER B 281 31.47 3.14 22.99
N LEU B 282 31.12 3.46 24.24
CA LEU B 282 29.77 3.92 24.60
C LEU B 282 29.24 5.06 23.72
N ARG B 283 30.07 6.08 23.48
CA ARG B 283 29.73 7.21 22.60
C ARG B 283 29.04 6.73 21.33
N CYS B 284 29.59 5.66 20.75
CA CYS B 284 29.08 5.08 19.52
C CYS B 284 27.82 4.30 19.73
N HIS B 285 27.74 3.59 20.85
CA HIS B 285 26.57 2.79 21.17
C HIS B 285 25.37 3.69 21.42
N GLU B 286 25.54 4.66 22.31
CA GLU B 286 24.50 5.67 22.58
C GLU B 286 23.93 6.19 21.31
N ASP B 287 24.76 6.19 20.27
CA ASP B 287 24.41 6.77 19.00
C ASP B 287 23.69 5.84 18.04
N LEU B 288 23.62 4.56 18.38
CA LEU B 288 22.95 3.56 17.55
C LEU B 288 21.44 3.77 17.60
N PRO B 289 20.71 3.42 16.50
CA PRO B 289 19.24 3.38 16.59
C PRO B 289 18.83 2.34 17.63
N LEU B 290 17.74 2.63 18.32
CA LEU B 290 17.26 1.74 19.36
C LEU B 290 17.21 0.25 18.99
N PHE B 291 16.64 -0.10 17.84
CA PHE B 291 16.53 -1.52 17.48
C PHE B 291 17.87 -2.20 17.42
N LEU B 292 18.94 -1.39 17.33
CA LEU B 292 20.30 -1.92 17.47
C LEU B 292 20.86 -1.72 18.85
N ARG B 293 20.45 -0.65 19.51
CA ARG B 293 21.06 -0.26 20.78
C ARG B 293 20.84 -1.31 21.84
N CYS B 294 19.93 -2.22 21.57
CA CYS B 294 19.63 -3.30 22.52
C CYS B 294 20.77 -4.28 22.54
N PHE B 295 21.60 -4.29 21.52
CA PHE B 295 22.73 -5.18 21.51
C PHE B 295 24.04 -4.47 21.91
N THR B 296 24.06 -3.80 23.05
CA THR B 296 25.29 -3.16 23.53
C THR B 296 25.55 -3.56 24.98
N VAL B 297 26.75 -3.30 25.50
CA VAL B 297 26.99 -3.52 26.95
C VAL B 297 26.06 -2.69 27.84
N GLY B 298 26.00 -1.39 27.58
CA GLY B 298 25.15 -0.51 28.36
C GLY B 298 23.71 -1.01 28.49
N TRP B 299 23.17 -1.56 27.40
CA TRP B 299 21.81 -2.04 27.42
C TRP B 299 21.70 -3.28 28.29
N ILE B 300 22.68 -4.19 28.16
CA ILE B 300 22.68 -5.38 29.00
C ILE B 300 22.85 -5.05 30.49
N TYR B 301 23.73 -4.09 30.79
CA TYR B 301 23.93 -3.64 32.17
C TYR B 301 22.70 -3.01 32.79
N THR B 302 22.04 -2.12 32.05
CA THR B 302 20.75 -1.59 32.48
C THR B 302 19.72 -2.73 32.71
N ARG B 303 19.67 -3.68 31.77
CA ARG B 303 18.77 -4.79 31.95
C ARG B 303 19.07 -5.48 33.27
N ILE B 304 20.36 -5.70 33.53
CA ILE B 304 20.85 -6.19 34.83
C ILE B 304 20.36 -5.30 35.99
N LEU B 305 20.48 -3.99 35.87
CA LEU B 305 20.05 -3.13 36.96
C LEU B 305 18.55 -3.29 37.23
N SER B 306 17.77 -3.59 36.20
CA SER B 306 16.34 -3.84 36.38
C SER B 306 16.08 -5.09 37.21
N ARG B 307 16.76 -6.20 36.92
CA ARG B 307 16.63 -7.39 37.77
C ARG B 307 17.02 -7.01 39.19
N PHE B 308 17.95 -6.08 39.32
CA PHE B 308 18.43 -5.67 40.62
C PHE B 308 17.27 -5.05 41.39
N VAL B 309 16.47 -4.20 40.76
CA VAL B 309 15.32 -3.69 41.49
C VAL B 309 14.31 -4.79 41.82
N GLU B 310 14.17 -5.75 40.93
CA GLU B 310 13.37 -6.92 41.25
C GLU B 310 13.86 -7.60 42.51
N ILE B 311 15.20 -7.73 42.61
CA ILE B 311 15.84 -8.41 43.76
C ILE B 311 15.67 -7.61 45.04
N LEU B 312 15.97 -6.32 44.97
CA LEU B 312 15.77 -5.43 46.09
C LEU B 312 14.34 -5.56 46.60
N GLN B 313 13.39 -5.71 45.68
CA GLN B 313 11.98 -5.85 46.06
C GLN B 313 11.67 -7.14 46.82
N ARG B 314 12.13 -8.28 46.30
CA ARG B 314 11.91 -9.58 46.95
C ARG B 314 12.49 -9.67 48.38
N LEU B 315 13.72 -9.16 48.57
CA LEU B 315 14.32 -9.00 49.89
C LEU B 315 13.73 -7.78 50.60
N HIS B 316 12.60 -7.29 50.13
CA HIS B 316 11.86 -6.22 50.77
C HIS B 316 12.63 -4.93 51.08
N MET B 317 13.83 -4.77 50.56
CA MET B 317 14.55 -3.52 50.73
C MET B 317 13.96 -2.42 49.84
N TYR B 318 12.80 -1.89 50.22
CA TYR B 318 12.06 -0.98 49.36
C TYR B 318 12.61 0.43 49.19
N GLU B 319 13.55 0.86 50.03
CA GLU B 319 14.09 2.22 49.87
C GLU B 319 15.10 2.20 48.75
N GLU B 320 15.91 1.14 48.76
CA GLU B 320 16.98 0.96 47.78
C GLU B 320 16.35 0.78 46.40
N ALA B 321 15.32 -0.06 46.34
CA ALA B 321 14.57 -0.28 45.12
C ALA B 321 14.07 1.04 44.55
N VAL B 322 13.60 1.93 45.40
CA VAL B 322 13.15 3.21 44.90
C VAL B 322 14.29 4.02 44.35
N ARG B 323 15.45 3.97 45.02
CA ARG B 323 16.64 4.66 44.52
C ARG B 323 17.03 4.15 43.15
N GLU B 324 17.21 2.82 43.07
CA GLU B 324 17.52 2.13 41.82
C GLU B 324 16.57 2.48 40.70
N LEU B 325 15.26 2.47 41.02
CA LEU B 325 14.25 2.85 40.06
C LEU B 325 14.44 4.26 39.59
N GLU B 326 14.73 5.16 40.53
CA GLU B 326 14.89 6.57 40.17
C GLU B 326 16.14 6.77 39.36
N SER B 327 17.13 5.89 39.58
CA SER B 327 18.35 5.88 38.79
C SER B 327 18.02 5.56 37.34
N LEU B 328 17.47 4.36 37.14
CA LEU B 328 17.04 3.89 35.85
C LEU B 328 16.24 4.96 35.10
N LEU B 329 15.33 5.62 35.79
CA LEU B 329 14.51 6.63 35.14
C LEU B 329 15.26 7.93 34.85
N SER B 330 16.40 8.15 35.48
CA SER B 330 17.10 9.41 35.23
C SER B 330 17.71 9.49 33.84
N GLN B 331 17.88 8.35 33.19
CA GLN B 331 18.40 8.31 31.82
C GLN B 331 17.40 7.76 30.75
N ARG B 332 17.48 8.30 29.54
CA ARG B 332 16.64 7.85 28.43
C ARG B 332 17.48 7.05 27.39
N ILE B 333 18.74 6.79 27.72
CA ILE B 333 19.64 6.11 26.78
C ILE B 333 19.26 4.65 26.57
N TYR B 334 19.24 3.89 27.66
CA TYR B 334 18.98 2.47 27.59
C TYR B 334 17.59 2.09 28.10
N CYS B 335 17.00 1.10 27.42
CA CYS B 335 15.70 0.52 27.73
C CYS B 335 14.58 1.52 27.87
N PRO B 336 14.41 2.45 26.93
CA PRO B 336 13.24 3.31 27.15
C PRO B 336 11.90 2.55 27.11
N ASP B 337 11.83 1.45 26.40
CA ASP B 337 10.62 0.63 26.39
C ASP B 337 10.26 0.08 27.78
N SER B 338 11.22 0.14 28.72
CA SER B 338 11.00 -0.32 30.12
C SER B 338 10.53 0.73 31.12
N ARG B 339 10.38 1.97 30.69
CA ARG B 339 10.14 3.02 31.63
C ARG B 339 8.78 2.88 32.29
N GLY B 340 7.79 2.47 31.50
CA GLY B 340 6.46 2.21 32.01
C GLY B 340 6.51 1.23 33.16
N ARG B 341 7.19 0.10 32.97
CA ARG B 341 7.35 -0.86 34.03
C ARG B 341 7.92 -0.13 35.23
N TRP B 342 9.02 0.60 35.04
CA TRP B 342 9.65 1.39 36.13
C TRP B 342 8.75 2.40 36.83
N TRP B 343 8.15 3.34 36.08
CA TRP B 343 7.27 4.36 36.70
C TRP B 343 6.21 3.69 37.58
N ASP B 344 5.57 2.67 37.03
CA ASP B 344 4.54 1.91 37.69
C ASP B 344 5.10 1.34 38.97
N ARG B 345 6.10 0.48 38.83
CA ARG B 345 6.87 -0.06 39.93
C ARG B 345 7.38 1.00 40.96
N LEU B 346 7.80 2.17 40.49
CA LEU B 346 8.25 3.21 41.39
C LEU B 346 7.09 3.61 42.25
N ALA B 347 6.10 4.22 41.61
CA ALA B 347 4.81 4.55 42.24
C ALA B 347 4.20 3.48 43.16
N LEU B 348 4.16 2.22 42.74
CA LEU B 348 3.66 1.16 43.63
C LEU B 348 4.48 1.06 44.91
N ASN B 349 5.80 0.95 44.78
CA ASN B 349 6.69 0.98 45.96
C ASN B 349 6.47 2.20 46.90
N LEU B 350 6.56 3.42 46.36
CA LEU B 350 6.31 4.67 47.13
C LEU B 350 4.97 4.68 47.86
N HIS B 351 3.89 4.25 47.18
CA HIS B 351 2.55 4.31 47.73
C HIS B 351 2.25 3.17 48.71
N GLN B 352 2.45 1.94 48.27
CA GLN B 352 2.20 0.78 49.12
C GLN B 352 3.21 0.60 50.23
N HIS B 353 4.46 0.40 49.87
CA HIS B 353 5.47 0.03 50.84
C HIS B 353 6.10 1.18 51.60
N LEU B 354 6.45 2.27 50.93
CA LEU B 354 7.05 3.39 51.65
C LEU B 354 6.06 4.53 51.96
N LYS B 355 4.78 4.19 52.02
CA LYS B 355 3.68 5.14 52.31
C LYS B 355 3.88 6.63 52.08
N ARG B 356 4.85 7.01 51.25
CA ARG B 356 5.18 8.40 51.04
C ARG B 356 4.21 9.01 50.01
N LEU B 357 3.07 9.52 50.49
CA LEU B 357 2.01 10.00 49.60
C LEU B 357 2.38 11.25 48.81
N GLU B 358 3.32 12.03 49.32
CA GLU B 358 3.84 13.16 48.58
C GLU B 358 4.48 12.70 47.26
N PRO B 359 5.64 11.99 47.33
CA PRO B 359 6.32 11.58 46.10
C PRO B 359 5.43 10.76 45.17
N THR B 360 4.68 9.79 45.71
CA THR B 360 3.73 8.98 44.93
C THR B 360 3.02 9.79 43.85
N ILE B 361 2.68 11.03 44.17
CA ILE B 361 2.00 11.94 43.24
C ILE B 361 2.94 12.51 42.17
N LYS B 362 4.13 12.94 42.58
CA LYS B 362 5.14 13.47 41.64
C LYS B 362 5.53 12.37 40.68
N CYS B 363 5.76 11.20 41.25
CA CYS B 363 5.97 9.99 40.51
C CYS B 363 4.92 9.82 39.44
N ILE B 364 3.69 9.54 39.86
CA ILE B 364 2.53 9.32 38.99
C ILE B 364 2.40 10.42 37.92
N THR B 365 2.71 11.67 38.29
CA THR B 365 2.54 12.80 37.39
C THR B 365 3.56 12.72 36.27
N GLU B 366 4.83 12.56 36.65
CA GLU B 366 5.94 12.56 35.69
C GLU B 366 5.77 11.39 34.78
N GLY B 367 5.51 10.24 35.38
CA GLY B 367 5.18 9.00 34.66
C GLY B 367 4.14 9.19 33.57
N LEU B 368 3.03 9.87 33.89
CA LEU B 368 1.93 10.04 32.94
C LEU B 368 2.25 11.12 31.95
N ALA B 369 3.37 11.81 32.13
CA ALA B 369 3.78 12.83 31.17
C ALA B 369 4.85 12.30 30.24
N ASP B 370 5.32 11.08 30.54
CA ASP B 370 6.38 10.43 29.78
C ASP B 370 5.77 9.66 28.61
N PRO B 371 6.02 10.15 27.39
CA PRO B 371 5.40 9.53 26.23
C PRO B 371 5.85 8.07 26.08
N GLU B 372 6.92 7.75 26.81
CA GLU B 372 7.40 6.40 26.84
C GLU B 372 6.44 5.41 27.46
N VAL B 373 5.63 5.80 28.44
CA VAL B 373 4.73 4.81 29.05
C VAL B 373 3.46 4.66 28.22
N ARG B 374 2.97 3.42 28.12
CA ARG B 374 1.88 3.09 27.22
C ARG B 374 0.89 2.13 27.85
N THR B 375 -0.22 1.90 27.15
CA THR B 375 -1.24 0.85 27.47
C THR B 375 -1.38 0.46 28.98
N GLY B 376 -0.98 -0.76 29.30
CA GLY B 376 -1.13 -1.33 30.63
C GLY B 376 -0.65 -0.45 31.77
N HIS B 377 0.64 -0.09 31.74
CA HIS B 377 1.27 0.73 32.74
C HIS B 377 0.67 2.14 32.77
N ARG B 378 0.46 2.72 31.59
CA ARG B 378 -0.21 4.02 31.53
C ARG B 378 -1.49 4.01 32.34
N LEU B 379 -2.35 3.03 32.06
CA LEU B 379 -3.63 2.90 32.74
C LEU B 379 -3.41 2.71 34.25
N SER B 380 -2.52 1.78 34.59
CA SER B 380 -2.17 1.51 35.98
C SER B 380 -1.75 2.79 36.72
N LEU B 381 -1.08 3.69 36.05
CA LEU B 381 -0.72 4.90 36.76
C LEU B 381 -1.94 5.79 36.96
N TYR B 382 -2.79 5.85 35.94
CA TYR B 382 -3.94 6.75 35.99
C TYR B 382 -4.90 6.22 37.03
N GLN B 383 -4.96 4.91 37.17
CA GLN B 383 -5.91 4.32 38.09
C GLN B 383 -5.51 4.60 39.54
N ARG B 384 -4.21 4.48 39.83
CA ARG B 384 -3.69 4.81 41.15
C ARG B 384 -3.94 6.28 41.42
N ALA B 385 -3.82 7.11 40.40
CA ALA B 385 -4.13 8.53 40.57
C ALA B 385 -5.55 8.76 41.09
N VAL B 386 -6.57 8.17 40.46
CA VAL B 386 -7.94 8.38 40.93
C VAL B 386 -8.13 7.79 42.33
N ARG B 387 -7.87 6.50 42.50
CA ARG B 387 -7.86 5.87 43.83
C ARG B 387 -7.22 6.80 44.89
N LEU B 388 -6.16 7.50 44.50
CA LEU B 388 -5.44 8.36 45.41
C LEU B 388 -6.15 9.69 45.66
N ARG B 389 -6.46 10.42 44.58
CA ARG B 389 -7.04 11.79 44.70
C ARG B 389 -8.38 11.79 45.43
N GLU B 390 -9.16 10.74 45.16
CA GLU B 390 -10.51 10.63 45.66
C GLU B 390 -10.51 9.87 46.99
N SER B 391 -9.31 9.70 47.54
CA SER B 391 -9.13 9.13 48.87
C SER B 391 -9.06 10.26 49.88
N PRO B 392 -9.67 10.06 51.07
CA PRO B 392 -9.55 11.04 52.14
C PRO B 392 -8.11 11.11 52.66
N SER B 393 -7.45 9.95 52.82
CA SER B 393 -6.05 9.87 53.26
C SER B 393 -5.14 10.74 52.42
N CYS B 394 -5.77 11.53 51.54
CA CYS B 394 -5.08 12.28 50.52
C CYS B 394 -5.69 13.67 50.36
N LYS B 395 -6.98 13.80 50.68
CA LYS B 395 -7.79 14.98 50.35
C LYS B 395 -7.19 16.38 50.59
N LYS B 396 -6.35 16.52 51.61
CA LYS B 396 -5.71 17.81 51.94
C LYS B 396 -4.70 18.31 50.89
N PHE B 397 -5.18 18.48 49.66
CA PHE B 397 -4.38 18.85 48.50
C PHE B 397 -5.31 19.02 47.29
N LYS B 398 -4.81 19.65 46.22
CA LYS B 398 -5.52 19.69 44.93
C LYS B 398 -4.56 19.50 43.76
N HIS B 399 -3.46 18.79 44.02
CA HIS B 399 -2.36 18.61 43.07
C HIS B 399 -2.58 17.44 42.10
N LEU B 400 -3.63 16.65 42.29
CA LEU B 400 -3.99 15.59 41.32
C LEU B 400 -5.27 15.89 40.55
N PHE B 401 -5.95 16.96 40.92
CA PHE B 401 -6.99 17.50 40.05
C PHE B 401 -6.32 18.08 38.82
N GLN B 402 -5.01 18.38 38.96
CA GLN B 402 -4.17 18.89 37.89
C GLN B 402 -4.46 18.20 36.56
N GLN B 403 -5.50 18.69 35.88
CA GLN B 403 -5.84 18.34 34.50
C GLN B 403 -5.43 16.92 34.05
N LEU B 404 -5.91 15.90 34.77
CA LEU B 404 -5.65 14.51 34.37
C LEU B 404 -6.63 14.10 33.27
N PRO B 405 -6.13 13.84 32.05
CA PRO B 405 -7.02 13.48 30.94
C PRO B 405 -7.89 12.32 31.36
N GLU B 406 -9.20 12.47 31.23
CA GLU B 406 -10.12 11.51 31.81
C GLU B 406 -10.25 10.21 31.00
N MET B 407 -9.13 9.48 30.90
CA MET B 407 -9.03 8.18 30.24
C MET B 407 -9.85 7.10 30.98
N ALA B 408 -11.15 7.38 31.12
CA ALA B 408 -12.10 6.49 31.77
C ALA B 408 -12.46 5.31 30.87
N VAL B 409 -11.81 4.19 31.14
CA VAL B 409 -12.04 2.93 30.42
C VAL B 409 -13.51 2.52 30.56
N GLN B 410 -14.25 2.62 29.45
CA GLN B 410 -15.68 2.31 29.39
C GLN B 410 -15.98 0.90 29.92
N ASP B 411 -17.21 0.66 30.34
CA ASP B 411 -17.54 -0.59 31.00
C ASP B 411 -18.05 -1.70 30.11
N VAL B 412 -17.72 -2.93 30.51
CA VAL B 412 -17.74 -4.14 29.67
C VAL B 412 -18.75 -5.15 30.17
N LYS B 413 -19.50 -5.75 29.26
CA LYS B 413 -20.48 -6.75 29.64
C LYS B 413 -19.76 -7.93 30.25
N HIS B 414 -20.07 -8.20 31.52
CA HIS B 414 -19.60 -9.39 32.21
C HIS B 414 -20.67 -10.46 32.21
N VAL B 415 -20.27 -11.72 32.37
CA VAL B 415 -21.15 -12.87 32.29
C VAL B 415 -20.56 -13.96 33.19
N THR B 416 -21.40 -14.85 33.73
CA THR B 416 -20.90 -15.94 34.57
C THR B 416 -21.48 -17.28 34.18
N ILE B 417 -20.63 -18.30 34.18
CA ILE B 417 -21.07 -19.69 34.02
C ILE B 417 -20.46 -20.56 35.11
N THR B 418 -20.93 -21.81 35.21
CA THR B 418 -20.40 -22.73 36.20
C THR B 418 -19.80 -23.95 35.52
N GLY B 419 -18.85 -24.59 36.17
CA GLY B 419 -18.23 -25.77 35.63
C GLY B 419 -17.78 -26.65 36.79
N ARG B 420 -17.80 -27.96 36.58
CA ARG B 420 -17.44 -28.88 37.66
C ARG B 420 -15.93 -29.04 37.75
N LEU B 421 -15.36 -28.40 38.78
CA LEU B 421 -13.93 -28.45 39.04
C LEU B 421 -13.48 -29.88 39.36
N CYS B 422 -12.19 -30.17 39.20
CA CYS B 422 -11.70 -31.53 39.35
C CYS B 422 -10.66 -31.68 40.46
N LYS B 429 -2.22 -25.69 36.29
CA LYS B 429 -3.38 -25.07 35.66
C LYS B 429 -4.66 -25.85 36.02
N SER B 430 -5.72 -25.13 36.38
CA SER B 430 -7.01 -25.72 36.80
C SER B 430 -7.68 -26.58 35.71
N VAL B 431 -8.07 -27.80 36.07
CA VAL B 431 -8.76 -28.71 35.15
C VAL B 431 -10.22 -28.90 35.58
N PHE B 432 -11.14 -28.75 34.64
CA PHE B 432 -12.57 -28.93 34.87
C PHE B 432 -13.06 -30.20 34.16
N VAL B 433 -14.31 -30.57 34.43
CA VAL B 433 -14.93 -31.74 33.81
C VAL B 433 -16.25 -31.36 33.15
N MET B 434 -16.54 -31.99 32.00
CA MET B 434 -17.81 -31.79 31.31
C MET B 434 -18.33 -33.06 30.60
N VAL B 445 -15.34 -35.43 30.25
CA VAL B 445 -13.91 -35.34 29.92
C VAL B 445 -13.26 -34.11 30.57
N LEU B 446 -11.93 -34.17 30.68
CA LEU B 446 -11.11 -33.11 31.27
C LEU B 446 -10.78 -32.00 30.24
N CYS B 447 -10.80 -30.75 30.71
CA CYS B 447 -10.55 -29.57 29.86
C CYS B 447 -10.19 -28.32 30.67
N SER B 448 -9.91 -27.22 29.97
CA SER B 448 -9.49 -25.98 30.60
C SER B 448 -10.64 -25.02 30.79
N VAL B 449 -10.46 -24.08 31.73
CA VAL B 449 -11.36 -22.94 31.88
C VAL B 449 -11.82 -22.49 30.50
N GLU B 450 -10.88 -22.35 29.56
CA GLU B 450 -11.18 -21.79 28.25
C GLU B 450 -12.07 -22.69 27.39
N GLU B 451 -11.70 -23.96 27.29
CA GLU B 451 -12.44 -24.94 26.50
C GLU B 451 -13.89 -25.04 26.97
N LEU B 452 -14.06 -24.90 28.28
CA LEU B 452 -15.35 -24.98 28.92
C LEU B 452 -16.22 -23.84 28.42
N ALA B 453 -15.63 -22.66 28.30
CA ALA B 453 -16.33 -21.46 27.82
C ALA B 453 -16.67 -21.57 26.34
N LEU B 454 -15.71 -22.08 25.56
CA LEU B 454 -15.92 -22.32 24.15
C LEU B 454 -17.22 -23.12 23.94
N ALA B 455 -17.42 -24.12 24.79
CA ALA B 455 -18.65 -24.90 24.83
C ALA B 455 -19.87 -24.02 25.12
N HIS B 456 -19.84 -23.26 26.22
CA HIS B 456 -20.94 -22.36 26.54
C HIS B 456 -21.35 -21.55 25.31
N TYR B 457 -20.37 -21.20 24.49
CA TYR B 457 -20.58 -20.33 23.36
C TYR B 457 -21.06 -21.09 22.15
N ARG B 458 -20.66 -22.36 22.04
CA ARG B 458 -21.25 -23.25 21.04
C ARG B 458 -22.77 -23.34 21.26
N ARG B 459 -23.17 -23.63 22.49
CA ARG B 459 -24.59 -23.66 22.83
C ARG B 459 -25.19 -22.25 22.88
N SER B 460 -24.37 -21.22 22.74
CA SER B 460 -24.93 -19.87 22.69
C SER B 460 -25.25 -19.46 21.25
N GLY B 461 -24.97 -20.37 20.31
CA GLY B 461 -25.20 -20.09 18.91
C GLY B 461 -24.02 -19.45 18.19
N PHE B 462 -22.80 -19.87 18.57
CA PHE B 462 -21.60 -19.58 17.79
C PHE B 462 -20.91 -20.91 17.56
N ASP B 463 -21.23 -21.56 16.45
CA ASP B 463 -20.70 -22.89 16.13
C ASP B 463 -19.17 -22.93 16.07
N GLN B 464 -18.55 -21.76 15.92
CA GLN B 464 -17.13 -21.61 15.63
C GLN B 464 -16.38 -20.81 16.69
N GLY B 465 -15.13 -21.15 16.91
CA GLY B 465 -14.31 -20.44 17.89
C GLY B 465 -12.85 -20.87 17.92
N ILE B 466 -12.00 -19.98 18.40
CA ILE B 466 -10.59 -20.31 18.56
C ILE B 466 -10.11 -19.82 19.89
N HIS B 467 -9.30 -20.64 20.54
CA HIS B 467 -8.59 -20.20 21.72
C HIS B 467 -7.16 -19.85 21.34
N GLY B 468 -6.91 -18.56 21.12
CA GLY B 468 -5.67 -18.13 20.48
C GLY B 468 -5.02 -16.91 21.10
N GLU B 469 -5.74 -16.28 22.02
CA GLU B 469 -5.29 -15.07 22.70
C GLU B 469 -4.71 -14.10 21.66
N GLY B 470 -3.43 -13.79 21.77
CA GLY B 470 -2.78 -12.85 20.86
C GLY B 470 -2.36 -13.37 19.48
N SER B 471 -2.19 -14.69 19.33
CA SER B 471 -1.71 -15.21 18.04
C SER B 471 -2.77 -15.23 16.94
N THR B 472 -4.05 -15.39 17.30
CA THR B 472 -5.12 -15.22 16.32
C THR B 472 -4.88 -13.91 15.60
N PHE B 473 -4.94 -12.80 16.34
CA PHE B 473 -4.76 -11.47 15.74
C PHE B 473 -3.40 -11.21 15.14
N SER B 474 -2.37 -11.51 15.90
CA SER B 474 -1.03 -11.35 15.40
C SER B 474 -0.82 -12.10 14.07
N THR B 475 -1.26 -13.35 13.94
CA THR B 475 -1.10 -13.99 12.65
C THR B 475 -1.96 -13.34 11.53
N LEU B 476 -3.17 -12.89 11.86
CA LEU B 476 -3.95 -12.13 10.89
C LEU B 476 -3.18 -10.90 10.40
N TYR B 477 -2.71 -10.08 11.33
CA TYR B 477 -1.81 -8.95 11.02
C TYR B 477 -0.65 -9.40 10.14
N GLY B 478 -0.04 -10.51 10.50
CA GLY B 478 1.07 -11.05 9.73
C GLY B 478 0.69 -11.42 8.32
N LEU B 479 -0.46 -12.09 8.17
CA LEU B 479 -0.93 -12.48 6.87
C LEU B 479 -1.29 -11.28 6.00
N LEU B 480 -2.05 -10.33 6.55
CA LEU B 480 -2.31 -9.07 5.85
C LEU B 480 -1.10 -8.16 5.60
N LEU B 481 -0.10 -8.13 6.45
CA LEU B 481 0.95 -7.11 6.21
C LEU B 481 2.31 -7.69 5.81
N TRP B 482 2.31 -8.99 5.52
CA TRP B 482 3.53 -9.71 5.31
C TRP B 482 4.57 -8.97 4.48
N ASP B 483 4.16 -8.42 3.35
CA ASP B 483 5.07 -7.84 2.40
C ASP B 483 5.61 -6.48 2.88
N ILE B 484 4.82 -5.81 3.71
CA ILE B 484 5.19 -4.53 4.24
C ILE B 484 6.19 -4.78 5.35
N ILE B 485 6.00 -5.88 6.06
CA ILE B 485 6.96 -6.25 7.10
C ILE B 485 8.34 -6.56 6.50
N PHE B 486 8.38 -7.44 5.49
CA PHE B 486 9.65 -7.84 4.89
C PHE B 486 10.04 -6.98 3.71
N MET B 487 9.37 -5.83 3.65
CA MET B 487 9.65 -4.73 2.73
C MET B 487 11.15 -4.34 2.64
N ASP B 488 11.62 -4.01 1.45
CA ASP B 488 13.00 -3.57 1.27
C ASP B 488 13.14 -2.12 1.70
N GLY B 489 14.37 -1.63 1.69
CA GLY B 489 14.60 -0.21 1.89
C GLY B 489 14.81 0.36 3.27
N ILE B 490 14.73 -0.45 4.31
CA ILE B 490 14.96 0.08 5.64
C ILE B 490 16.35 -0.40 6.11
N PRO B 491 17.32 0.52 6.16
CA PRO B 491 18.67 0.05 6.51
C PRO B 491 18.72 -0.68 7.86
N ASP B 492 19.61 -1.66 7.97
CA ASP B 492 19.98 -2.33 9.24
C ASP B 492 18.98 -3.31 9.84
N VAL B 493 17.72 -3.23 9.44
CA VAL B 493 16.75 -4.15 10.00
C VAL B 493 16.90 -5.60 9.55
N PHE B 494 17.55 -5.82 8.42
CA PHE B 494 17.87 -7.19 8.05
C PHE B 494 19.38 -7.32 8.00
N ARG B 495 19.93 -8.10 8.92
CA ARG B 495 21.36 -8.17 9.02
C ARG B 495 21.93 -9.48 8.54
N ASN B 496 21.14 -10.55 8.62
CA ASN B 496 21.55 -11.79 7.98
C ASN B 496 20.46 -12.82 7.87
N ALA B 497 20.88 -14.06 7.89
CA ALA B 497 20.25 -15.04 7.08
C ALA B 497 19.01 -15.69 7.67
N CYS B 498 18.92 -15.85 8.98
CA CYS B 498 17.74 -16.59 9.44
C CYS B 498 16.76 -15.76 10.26
N GLN B 499 16.45 -14.55 9.79
CA GLN B 499 15.54 -13.67 10.52
C GLN B 499 14.12 -14.01 10.24
N ALA B 500 13.25 -13.74 11.20
CA ALA B 500 11.85 -14.07 11.08
C ALA B 500 11.09 -12.78 11.32
N PHE B 501 11.80 -11.67 11.22
CA PHE B 501 11.26 -10.33 11.49
C PHE B 501 12.36 -9.28 11.33
N PRO B 502 12.00 -8.10 10.81
CA PRO B 502 12.96 -7.00 10.78
C PRO B 502 13.30 -6.65 12.22
N LEU B 503 14.56 -6.44 12.54
CA LEU B 503 14.93 -6.12 13.94
C LEU B 503 14.23 -4.89 14.54
N ASP B 504 13.62 -4.04 13.72
CA ASP B 504 12.86 -2.94 14.26
C ASP B 504 11.38 -3.25 14.51
N LEU B 505 10.95 -4.45 14.21
CA LEU B 505 9.56 -4.81 14.46
C LEU B 505 8.99 -4.30 15.81
N CYS B 506 9.72 -4.44 16.91
CA CYS B 506 9.20 -4.05 18.23
C CYS B 506 9.67 -2.70 18.72
N THR B 507 9.59 -1.71 17.85
CA THR B 507 10.16 -0.41 18.09
C THR B 507 9.14 0.59 17.61
N ASP B 508 9.28 1.84 18.02
CA ASP B 508 8.44 2.85 17.46
C ASP B 508 8.76 3.07 15.98
N SER B 509 9.97 2.68 15.57
CA SER B 509 10.50 2.98 14.25
C SER B 509 9.97 2.01 13.15
N PHE B 510 9.47 0.85 13.58
CA PHE B 510 8.86 -0.04 12.62
C PHE B 510 7.80 0.73 11.84
N PHE B 511 6.94 1.42 12.57
CA PHE B 511 5.92 2.22 11.93
C PHE B 511 6.49 3.43 11.24
N THR B 512 7.33 4.21 11.92
CA THR B 512 7.77 5.48 11.30
C THR B 512 8.59 5.24 10.04
N SER B 513 9.50 4.29 10.08
CA SER B 513 10.25 3.92 8.89
C SER B 513 9.41 3.42 7.73
N ARG B 514 8.15 3.08 7.95
CA ARG B 514 7.29 2.52 6.90
C ARG B 514 5.95 3.19 6.89
N ARG B 515 5.91 4.44 7.32
CA ARG B 515 4.64 5.14 7.48
C ARG B 515 3.74 5.13 6.23
N PRO B 516 4.26 5.63 5.10
CA PRO B 516 3.40 5.78 3.92
C PRO B 516 2.82 4.42 3.45
N ALA B 517 3.65 3.39 3.44
CA ALA B 517 3.21 2.04 3.10
C ALA B 517 2.11 1.59 4.03
N LEU B 518 2.37 1.80 5.33
CA LEU B 518 1.48 1.37 6.37
C LEU B 518 0.13 2.08 6.31
N GLU B 519 0.15 3.42 6.16
CA GLU B 519 -1.06 4.20 6.11
C GLU B 519 -1.93 3.78 4.96
N ALA B 520 -1.28 3.54 3.82
CA ALA B 520 -1.98 3.05 2.63
C ALA B 520 -2.69 1.74 2.91
N ARG B 521 -1.94 0.75 3.44
CA ARG B 521 -2.44 -0.62 3.57
C ARG B 521 -3.55 -0.71 4.55
N LEU B 522 -3.46 0.13 5.57
CA LEU B 522 -4.37 0.08 6.69
C LEU B 522 -5.66 0.72 6.23
N GLN B 523 -5.55 1.57 5.22
CA GLN B 523 -6.71 2.23 4.66
C GLN B 523 -7.43 1.22 3.80
N LEU B 524 -6.68 0.61 2.88
CA LEU B 524 -7.18 -0.43 2.01
C LEU B 524 -7.95 -1.51 2.78
N ILE B 525 -7.37 -1.96 3.89
CA ILE B 525 -7.98 -2.99 4.71
C ILE B 525 -9.29 -2.47 5.27
N HIS B 526 -9.26 -1.22 5.75
CA HIS B 526 -10.41 -0.60 6.36
C HIS B 526 -11.61 -0.61 5.45
N ASP B 527 -11.35 -0.32 4.17
CA ASP B 527 -12.41 -0.23 3.14
C ASP B 527 -12.68 -1.54 2.38
N ALA B 528 -11.78 -2.52 2.52
CA ALA B 528 -11.86 -3.74 1.72
C ALA B 528 -13.12 -4.49 2.05
N PRO B 529 -13.87 -4.92 1.02
CA PRO B 529 -15.02 -5.77 1.28
C PRO B 529 -14.52 -7.17 1.52
N GLU B 530 -15.42 -8.01 2.02
CA GLU B 530 -14.99 -9.26 2.60
C GLU B 530 -14.58 -10.35 1.60
N GLU B 531 -14.21 -9.98 0.38
CA GLU B 531 -13.69 -10.95 -0.59
C GLU B 531 -12.26 -10.57 -0.87
N SER B 532 -12.01 -9.26 -0.92
CA SER B 532 -10.70 -8.72 -1.06
C SER B 532 -9.85 -9.24 0.08
N LEU B 533 -10.47 -9.26 1.25
CA LEU B 533 -9.83 -9.79 2.44
C LEU B 533 -9.60 -11.28 2.19
N ARG B 534 -10.68 -12.04 2.02
CA ARG B 534 -10.54 -13.48 1.75
C ARG B 534 -9.50 -13.70 0.69
N ALA B 535 -9.30 -12.72 -0.19
CA ALA B 535 -8.38 -12.93 -1.28
C ALA B 535 -6.96 -12.60 -0.88
N TRP B 536 -6.75 -11.45 -0.22
CA TRP B 536 -5.39 -11.05 0.21
C TRP B 536 -4.80 -12.12 1.10
N VAL B 537 -5.65 -12.68 1.95
CA VAL B 537 -5.24 -13.75 2.84
C VAL B 537 -4.82 -15.01 2.06
N ALA B 538 -5.72 -15.49 1.21
CA ALA B 538 -5.40 -16.61 0.35
C ALA B 538 -4.03 -16.39 -0.29
N ALA B 539 -3.73 -15.13 -0.60
CA ALA B 539 -2.57 -14.86 -1.42
C ALA B 539 -1.32 -15.17 -0.63
N THR B 540 -1.19 -14.52 0.53
CA THR B 540 -0.03 -14.67 1.39
C THR B 540 0.07 -16.13 1.84
N TRP B 541 -1.05 -16.67 2.28
CA TRP B 541 -1.12 -18.08 2.63
C TRP B 541 -0.44 -18.99 1.60
N HIS B 542 -0.89 -18.91 0.36
CA HIS B 542 -0.33 -19.73 -0.67
C HIS B 542 1.14 -19.45 -0.90
N GLU B 543 1.54 -18.19 -0.95
CA GLU B 543 2.94 -17.86 -1.29
C GLU B 543 3.89 -18.11 -0.14
N GLN B 544 3.41 -18.00 1.09
CA GLN B 544 4.29 -18.02 2.26
C GLN B 544 4.14 -19.21 3.18
N GLU B 545 3.08 -20.01 3.01
CA GLU B 545 2.78 -21.11 3.92
C GLU B 545 4.03 -21.84 4.30
N GLY B 546 4.20 -22.02 5.61
CA GLY B 546 5.36 -22.71 6.16
C GLY B 546 6.45 -21.79 6.67
N ARG B 547 6.81 -20.81 5.86
CA ARG B 547 7.81 -19.79 6.21
C ARG B 547 7.72 -19.28 7.65
N VAL B 548 8.89 -19.17 8.29
CA VAL B 548 8.99 -18.87 9.71
C VAL B 548 9.00 -17.36 9.97
N ALA B 549 7.87 -16.82 10.42
CA ALA B 549 7.76 -15.42 10.73
C ALA B 549 7.17 -15.33 12.10
N SER B 550 7.82 -14.53 12.94
CA SER B 550 7.49 -14.43 14.36
C SER B 550 6.01 -14.18 14.67
N LEU B 551 5.33 -13.47 13.77
CA LEU B 551 3.97 -13.06 14.01
C LEU B 551 2.95 -14.14 13.64
N VAL B 552 3.38 -15.05 12.76
CA VAL B 552 2.43 -15.95 12.10
C VAL B 552 2.59 -17.39 12.55
N SER B 553 1.56 -17.93 13.20
CA SER B 553 1.51 -19.35 13.51
C SER B 553 0.75 -20.06 12.44
N TRP B 554 1.45 -20.83 11.61
CA TRP B 554 0.77 -21.54 10.54
C TRP B 554 -0.35 -22.49 10.99
N ASP B 555 -0.17 -23.21 12.09
CA ASP B 555 -1.21 -24.14 12.55
C ASP B 555 -2.24 -23.43 13.47
N ARG B 556 -2.13 -22.11 13.56
CA ARG B 556 -3.04 -21.30 14.38
C ARG B 556 -4.49 -21.42 13.93
N PHE B 557 -4.73 -21.33 12.63
CA PHE B 557 -6.04 -21.66 12.06
C PHE B 557 -5.93 -23.04 11.50
N THR B 558 -7.07 -23.71 11.44
CA THR B 558 -7.07 -25.13 11.06
C THR B 558 -6.89 -25.35 9.56
N SER B 559 -7.19 -24.32 8.75
CA SER B 559 -7.02 -24.35 7.28
C SER B 559 -7.11 -22.92 6.82
N LEU B 560 -6.57 -22.64 5.63
CA LEU B 560 -6.74 -21.29 5.05
C LEU B 560 -8.21 -20.88 5.08
N GLN B 561 -9.09 -21.84 4.84
CA GLN B 561 -10.53 -21.61 4.80
C GLN B 561 -11.05 -21.04 6.12
N GLN B 562 -10.55 -21.53 7.25
CA GLN B 562 -10.98 -20.96 8.52
C GLN B 562 -10.62 -19.48 8.65
N ALA B 563 -9.38 -19.14 8.29
CA ALA B 563 -8.91 -17.77 8.34
C ALA B 563 -9.84 -16.86 7.55
N GLN B 564 -10.15 -17.28 6.32
CA GLN B 564 -11.08 -16.54 5.47
C GLN B 564 -12.45 -16.34 6.15
N ASP B 565 -12.97 -17.38 6.81
CA ASP B 565 -14.19 -17.23 7.60
C ASP B 565 -14.07 -16.11 8.59
N LEU B 566 -13.02 -16.15 9.39
CA LEU B 566 -12.87 -15.20 10.48
C LEU B 566 -12.76 -13.74 10.03
N VAL B 567 -11.88 -13.49 9.06
CA VAL B 567 -11.69 -12.13 8.52
C VAL B 567 -13.01 -11.61 7.98
N SER B 568 -13.77 -12.51 7.36
CA SER B 568 -15.08 -12.14 6.82
C SER B 568 -15.98 -11.70 7.94
N CYS B 569 -15.87 -12.30 9.10
CA CYS B 569 -16.76 -11.89 10.18
C CYS B 569 -16.24 -10.65 10.84
N LEU B 570 -14.92 -10.54 10.97
CA LEU B 570 -14.29 -9.40 11.65
C LEU B 570 -14.45 -8.10 10.84
N GLY B 571 -14.26 -8.23 9.52
CA GLY B 571 -14.46 -7.12 8.61
C GLY B 571 -13.47 -5.99 8.77
N GLY B 572 -13.11 -5.42 7.61
CA GLY B 572 -12.10 -4.36 7.42
C GLY B 572 -11.80 -3.34 8.50
N PRO B 573 -12.81 -2.54 8.92
CA PRO B 573 -12.54 -1.53 9.96
C PRO B 573 -11.88 -2.09 11.23
N VAL B 574 -12.41 -3.21 11.73
CA VAL B 574 -11.87 -3.88 12.92
C VAL B 574 -10.49 -4.43 12.60
N LEU B 575 -10.37 -5.17 11.51
CA LEU B 575 -9.10 -5.74 11.14
C LEU B 575 -8.03 -4.67 10.99
N SER B 576 -8.44 -3.50 10.51
CA SER B 576 -7.52 -2.41 10.30
C SER B 576 -7.07 -1.86 11.65
N GLY B 577 -8.02 -1.65 12.54
CA GLY B 577 -7.73 -1.06 13.83
C GLY B 577 -6.75 -1.87 14.65
N VAL B 578 -6.91 -3.19 14.60
CA VAL B 578 -6.09 -4.07 15.39
C VAL B 578 -4.70 -4.02 14.80
N CYS B 579 -4.64 -4.05 13.47
CA CYS B 579 -3.37 -4.05 12.80
C CYS B 579 -2.65 -2.77 13.09
N ARG B 580 -3.41 -1.69 13.32
CA ARG B 580 -2.80 -0.39 13.45
C ARG B 580 -2.07 -0.35 14.77
N HIS B 581 -2.68 -0.94 15.79
CA HIS B 581 -2.07 -0.98 17.10
C HIS B 581 -0.82 -1.83 17.04
N LEU B 582 -0.97 -3.03 16.47
CA LEU B 582 0.13 -3.96 16.44
C LEU B 582 1.38 -3.38 15.77
N ALA B 583 1.20 -2.63 14.68
CA ALA B 583 2.37 -2.12 13.96
C ALA B 583 2.84 -0.82 14.59
N ALA B 584 1.88 -0.04 15.07
CA ALA B 584 2.25 1.19 15.76
C ALA B 584 3.11 0.91 17.01
N ASP B 585 2.76 -0.13 17.76
CA ASP B 585 3.40 -0.39 19.03
C ASP B 585 3.13 -1.84 19.49
N PHE B 586 3.81 -2.78 18.85
CA PHE B 586 3.66 -4.17 19.19
C PHE B 586 4.22 -4.39 20.56
N ARG B 587 5.37 -3.78 20.80
CA ARG B 587 6.07 -3.89 22.07
C ARG B 587 5.11 -3.82 23.26
N HIS B 588 4.32 -2.77 23.32
CA HIS B 588 3.39 -2.53 24.42
C HIS B 588 1.94 -2.95 24.13
N CYS B 589 1.66 -3.46 22.92
CA CYS B 589 0.30 -3.91 22.57
C CYS B 589 0.16 -5.40 22.43
N ARG B 590 1.28 -6.11 22.34
CA ARG B 590 1.23 -7.53 21.93
C ARG B 590 0.47 -8.46 22.90
N GLY B 591 0.44 -8.12 24.20
CA GLY B 591 -0.32 -8.91 25.18
C GLY B 591 -1.61 -8.31 25.73
N GLY B 592 -2.49 -9.19 26.23
CA GLY B 592 -3.74 -8.77 26.86
C GLY B 592 -4.96 -8.72 25.97
N LEU B 593 -4.82 -9.20 24.73
CA LEU B 593 -5.98 -9.44 23.86
C LEU B 593 -6.70 -10.58 24.51
N PRO B 594 -8.03 -10.69 24.28
CA PRO B 594 -8.87 -11.71 24.89
C PRO B 594 -8.58 -13.08 24.36
N ASP B 595 -8.75 -14.07 25.25
CA ASP B 595 -8.44 -15.50 25.02
C ASP B 595 -9.14 -16.06 23.81
N LEU B 596 -10.37 -15.57 23.59
CA LEU B 596 -11.30 -16.24 22.70
C LEU B 596 -11.84 -15.44 21.52
N VAL B 597 -11.93 -16.09 20.36
CA VAL B 597 -12.78 -15.54 19.30
C VAL B 597 -13.85 -16.55 18.93
N VAL B 598 -15.10 -16.14 19.09
CA VAL B 598 -16.26 -16.97 18.70
C VAL B 598 -17.16 -16.27 17.70
N TRP B 599 -17.48 -16.96 16.61
CA TRP B 599 -18.36 -16.38 15.62
C TRP B 599 -19.42 -17.35 15.16
N ASN B 600 -20.54 -16.80 14.70
CA ASN B 600 -21.57 -17.57 14.04
C ASN B 600 -21.30 -17.69 12.55
N SER B 601 -21.23 -18.93 12.08
CA SER B 601 -20.87 -19.24 10.70
C SER B 601 -21.77 -18.49 9.74
N GLN B 602 -23.07 -18.77 9.83
CA GLN B 602 -24.03 -18.24 8.90
C GLN B 602 -24.36 -16.76 9.12
N SER B 603 -24.49 -16.36 10.39
CA SER B 603 -24.93 -15.01 10.72
C SER B 603 -23.80 -13.97 10.69
N ARG B 604 -22.56 -14.46 10.58
CA ARG B 604 -21.33 -13.64 10.54
C ARG B 604 -21.04 -12.84 11.81
N HIS B 605 -21.87 -13.00 12.85
CA HIS B 605 -21.67 -12.29 14.13
C HIS B 605 -20.57 -12.94 14.94
N PHE B 606 -19.72 -12.11 15.54
CA PHE B 606 -18.60 -12.60 16.34
C PHE B 606 -18.57 -11.97 17.72
N LYS B 607 -17.95 -12.67 18.66
CA LYS B 607 -17.68 -12.08 19.96
C LYS B 607 -16.23 -12.35 20.37
N LEU B 608 -15.61 -11.34 20.99
CA LEU B 608 -14.26 -11.44 21.53
C LEU B 608 -14.40 -11.61 23.03
N VAL B 609 -14.03 -12.78 23.53
CA VAL B 609 -14.29 -13.18 24.92
C VAL B 609 -13.04 -13.38 25.77
N GLU B 610 -12.95 -12.66 26.89
CA GLU B 610 -11.91 -12.84 27.92
C GLU B 610 -12.39 -13.79 29.03
N VAL B 611 -11.99 -15.06 28.93
CA VAL B 611 -12.20 -16.02 29.99
C VAL B 611 -11.44 -15.59 31.26
N LYS B 612 -12.16 -15.60 32.37
CA LYS B 612 -11.59 -15.32 33.68
C LYS B 612 -11.98 -16.42 34.69
N GLY B 613 -11.10 -17.41 34.83
CA GLY B 613 -11.27 -18.52 35.78
C GLY B 613 -11.39 -18.06 37.21
N PRO B 614 -11.46 -19.01 38.17
CA PRO B 614 -11.90 -18.63 39.52
C PRO B 614 -10.89 -17.69 40.16
N ASN B 615 -9.65 -17.75 39.68
CA ASN B 615 -8.56 -17.05 40.33
C ASN B 615 -7.72 -16.14 39.47
N ASP B 616 -8.35 -15.30 38.66
CA ASP B 616 -7.65 -14.23 37.95
C ASP B 616 -8.59 -13.15 37.46
N ARG B 617 -8.18 -11.90 37.66
CA ARG B 617 -8.95 -10.74 37.19
C ARG B 617 -8.36 -10.14 35.92
N LEU B 618 -8.85 -8.95 35.61
CA LEU B 618 -8.43 -8.24 34.43
C LEU B 618 -7.20 -7.48 34.77
N SER B 619 -6.12 -7.67 34.02
CA SER B 619 -4.94 -6.82 34.14
C SER B 619 -5.23 -5.52 33.43
N HIS B 620 -4.44 -4.49 33.70
CA HIS B 620 -4.60 -3.21 33.02
C HIS B 620 -4.49 -3.39 31.50
N LYS B 621 -3.40 -4.01 31.03
CA LYS B 621 -3.26 -4.36 29.61
C LYS B 621 -4.59 -4.85 29.02
N GLN B 622 -5.23 -5.80 29.70
CA GLN B 622 -6.46 -6.42 29.22
C GLN B 622 -7.62 -5.45 29.11
N MET B 623 -7.77 -4.56 30.09
CA MET B 623 -8.86 -3.61 30.08
C MET B 623 -8.67 -2.50 29.05
N ILE B 624 -7.42 -2.29 28.63
CA ILE B 624 -7.16 -1.35 27.53
C ILE B 624 -7.59 -1.99 26.23
N TRP B 625 -7.21 -3.25 26.04
CA TRP B 625 -7.55 -3.97 24.81
C TRP B 625 -9.07 -4.04 24.57
N LEU B 626 -9.80 -4.47 25.61
CA LEU B 626 -11.25 -4.55 25.57
C LEU B 626 -11.85 -3.21 25.21
N ALA B 627 -11.39 -2.16 25.87
CA ALA B 627 -11.86 -0.81 25.58
C ALA B 627 -11.61 -0.49 24.14
N GLU B 628 -10.36 -0.68 23.74
CA GLU B 628 -9.93 -0.36 22.42
C GLU B 628 -10.69 -1.20 21.36
N LEU B 629 -11.06 -2.43 21.69
CA LEU B 629 -11.80 -3.29 20.75
C LEU B 629 -13.26 -2.86 20.63
N GLN B 630 -13.81 -2.40 21.73
CA GLN B 630 -15.14 -1.82 21.74
C GLN B 630 -15.21 -0.57 20.86
N LYS B 631 -14.30 0.40 21.07
CA LYS B 631 -14.18 1.57 20.19
C LYS B 631 -14.14 1.19 18.72
N LEU B 632 -13.49 0.07 18.42
CA LEU B 632 -13.47 -0.43 17.05
C LEU B 632 -14.84 -1.04 16.69
N GLY B 633 -15.74 -0.97 17.65
CA GLY B 633 -17.07 -1.51 17.51
C GLY B 633 -16.99 -3.00 17.35
N ALA B 634 -16.69 -3.70 18.44
CA ALA B 634 -16.63 -5.14 18.42
C ALA B 634 -17.23 -5.61 19.69
N GLU B 635 -18.03 -6.67 19.58
CA GLU B 635 -18.72 -7.30 20.70
C GLU B 635 -17.69 -7.91 21.66
N VAL B 636 -17.46 -7.25 22.79
CA VAL B 636 -16.53 -7.81 23.79
C VAL B 636 -17.22 -8.17 25.11
N GLU B 637 -16.73 -9.23 25.72
CA GLU B 637 -17.39 -9.88 26.83
C GLU B 637 -16.39 -10.66 27.69
N VAL B 638 -16.44 -10.39 28.99
CA VAL B 638 -15.67 -11.19 29.95
C VAL B 638 -16.54 -12.33 30.46
N CYS B 639 -16.01 -13.54 30.45
CA CYS B 639 -16.80 -14.71 30.82
C CYS B 639 -16.27 -15.39 32.07
N HIS B 640 -16.79 -15.00 33.24
CA HIS B 640 -16.37 -15.55 34.52
C HIS B 640 -16.82 -16.98 34.70
N VAL B 641 -15.90 -17.85 35.13
CA VAL B 641 -16.22 -19.25 35.41
C VAL B 641 -16.11 -19.57 36.90
N VAL B 642 -17.25 -19.94 37.49
CA VAL B 642 -17.32 -20.40 38.89
C VAL B 642 -17.38 -21.95 38.95
N ALA B 643 -16.67 -22.52 39.92
CA ALA B 643 -16.57 -23.98 40.07
C ALA B 643 -17.67 -24.55 40.98
N VAL B 644 -17.80 -25.88 40.97
CA VAL B 644 -18.77 -26.57 41.80
C VAL B 644 -18.15 -27.77 42.53
#